data_3B9F
#
_entry.id   3B9F
#
_cell.length_a   44.055
_cell.length_b   48.825
_cell.length_c   97.850
_cell.angle_alpha   78.72
_cell.angle_beta   81.52
_cell.angle_gamma   77.69
#
_symmetry.space_group_name_H-M   'P 1'
#
loop_
_entity.id
_entity.type
_entity.pdbx_description
1 polymer Prothrombin
2 polymer Prothrombin
3 polymer 'Plasma serine protease inhibitor'
4 branched alpha-L-fucopyranose-(1-6)-2-acetamido-2-deoxy-beta-D-glucopyranose
5 branched '2-O-sulfo-alpha-L-idopyranuronic acid-(1-4)-2-deoxy-6-O-sulfo-2-(sulfoamino)-alpha-D-glucopyranose'
6 non-polymer 'SULFATE ION'
7 non-polymer GLYCEROL
8 water water
#
loop_
_entity_poly.entity_id
_entity_poly.type
_entity_poly.pdbx_seq_one_letter_code
_entity_poly.pdbx_strand_id
1 'polypeptide(L)' TATSEYQTFFNPRTFGSGEADCGLRPLFEKKSLEDKTERELLESYIDGR L
2 'polypeptide(L)'
;IVEGSDAEIGMSPWQVMLFRKSPQELLCGASLISDRWVLTAAHCLLYPPWDKNFTENDLLVRIGKHSRTRYERNIEKISM
LEKIYIHPRYNWRENLDRDIALMKLKKPVAFSDYIHPVCLPDRETAASLLQAGYKGRVTGWGNLKETWTANVGKGQPSVL
QVVNLPIVERPVCKDSTRIRITDNMFCAGYKPDEGKRGDACEGDAGGPFVMKSPFNNRWYQMGIVSWGEGCDRDGKYGFY
THVFRLKKWIQKVIDQFGE
;
H
3 'polypeptide(L)'
;MGHHHHHHHHHHSSGHIDDDDKHMVGATVAPSSRRDFTFDLYRALASAAPSQNIFFSPVSISMSLAMLSLGAGSSTKMQI
LEGLGLNLQKSSEKELHRGFQQLLQELNQPRDGFQLSLGNALFTDLVVDLQDTFVSAMKTLYLADTFPTNFRDSAGAMKQ
INDYVAKQTKGKIVDLLKNLDSNAVVIMVNYIFFKAKWETSFNHKGTQEQDFYVTSETVVRVPMMSREDQYHYLLDRNLS
CRVVGVPYQGNATALFILPSEGKMQQVENGLSEKTLRKWLKMFKKRQLELYLPKFSIEGSYQLEKVLPSLGISNVFTSHA
DLSGISNHSNIQVSEMVHKAVVEVDESGTRAAAATGTIFTFRSARLNSQRLVFNRPFLMFIVDNNILFLGKVNRP
;
I
#
# COMPACT_ATOMS: atom_id res chain seq x y z
N SER A 4 51.01 11.26 -3.50
CA SER A 4 49.78 10.89 -2.75
C SER A 4 49.83 9.44 -2.29
N GLU A 5 50.25 9.24 -1.04
CA GLU A 5 50.37 7.89 -0.48
C GLU A 5 49.02 7.27 -0.12
N TYR A 6 48.81 6.05 -0.59
CA TYR A 6 47.57 5.33 -0.33
C TYR A 6 47.85 3.84 -0.30
N GLN A 7 47.36 3.17 0.74
N GLN A 7 47.37 3.16 0.74
CA GLN A 7 47.53 1.73 0.89
CA GLN A 7 47.56 1.73 0.87
C GLN A 7 46.20 1.05 0.61
C GLN A 7 46.22 1.06 0.60
N THR A 8 46.16 0.19 -0.41
CA THR A 8 44.93 -0.50 -0.75
C THR A 8 44.50 -1.44 0.37
N PHE A 9 43.20 -1.62 0.50
CA PHE A 9 42.62 -2.46 1.55
C PHE A 9 41.87 -3.66 0.98
N PHE A 10 41.29 -3.48 -0.21
CA PHE A 10 40.52 -4.53 -0.84
C PHE A 10 41.31 -5.33 -1.87
N ASN A 11 40.71 -6.43 -2.33
CA ASN A 11 41.34 -7.29 -3.33
C ASN A 11 40.59 -7.14 -4.64
N PRO A 12 41.27 -6.63 -5.68
CA PRO A 12 40.65 -6.43 -6.99
C PRO A 12 39.86 -7.64 -7.52
N ARG A 13 40.26 -8.84 -7.11
CA ARG A 13 39.55 -10.04 -7.58
C ARG A 13 38.07 -9.96 -7.26
N THR A 14 37.75 -9.36 -6.12
CA THR A 14 36.36 -9.24 -5.69
C THR A 14 35.87 -7.80 -5.69
N PHE A 15 36.80 -6.86 -5.54
CA PHE A 15 36.49 -5.43 -5.49
C PHE A 15 36.42 -4.76 -6.85
N GLY A 16 37.14 -5.31 -7.81
CA GLY A 16 37.17 -4.68 -9.12
C GLY A 16 38.35 -3.73 -9.10
N SER A 17 38.47 -2.88 -10.12
N SER A 17 38.43 -2.86 -10.10
CA SER A 17 39.58 -1.95 -10.21
CA SER A 17 39.55 -1.93 -10.20
C SER A 17 39.22 -0.55 -9.73
C SER A 17 39.21 -0.54 -9.68
N GLY A 18 40.25 0.27 -9.52
CA GLY A 18 40.05 1.64 -9.08
C GLY A 18 40.46 2.06 -7.68
N GLU A 19 40.66 1.12 -6.77
CA GLU A 19 41.01 1.54 -5.42
C GLU A 19 42.34 2.30 -5.31
N ALA A 20 43.38 1.80 -5.96
CA ALA A 20 44.68 2.44 -5.88
C ALA A 20 44.70 3.93 -6.23
N ASP A 21 43.88 4.34 -7.19
CA ASP A 21 43.83 5.74 -7.59
C ASP A 21 42.57 6.44 -7.09
N CYS A 22 41.94 5.87 -6.07
CA CYS A 22 40.70 6.45 -5.55
C CYS A 22 40.85 7.86 -5.01
N GLY A 23 39.75 8.60 -5.05
CA GLY A 23 39.72 9.94 -4.49
C GLY A 23 40.51 11.06 -5.13
N LEU A 24 41.12 10.82 -6.27
CA LEU A 24 41.88 11.85 -6.98
C LEU A 24 41.09 12.12 -8.25
N ARG A 25 40.54 13.33 -8.35
CA ARG A 25 39.69 13.71 -9.47
C ARG A 25 40.46 14.13 -10.72
N PRO A 26 40.10 13.55 -11.86
CA PRO A 26 40.74 13.84 -13.16
C PRO A 26 40.74 15.33 -13.50
N LEU A 27 39.66 16.03 -13.18
CA LEU A 27 39.56 17.45 -13.49
C LEU A 27 40.00 18.41 -12.39
N PHE A 28 40.49 17.87 -11.28
CA PHE A 28 40.93 18.71 -10.19
C PHE A 28 42.30 18.30 -9.68
N GLU A 29 42.37 17.38 -8.72
CA GLU A 29 43.66 16.96 -8.19
C GLU A 29 44.68 16.57 -9.26
N LYS A 30 44.24 15.82 -10.27
CA LYS A 30 45.13 15.38 -11.32
C LYS A 30 45.59 16.49 -12.26
N LYS A 31 44.93 17.65 -12.19
CA LYS A 31 45.29 18.79 -13.03
C LYS A 31 45.80 19.92 -12.13
N SER A 32 45.98 19.63 -10.85
CA SER A 32 46.45 20.63 -9.90
C SER A 32 45.51 21.82 -9.85
N LEU A 33 44.22 21.54 -9.92
CA LEU A 33 43.18 22.57 -9.86
C LEU A 33 42.32 22.30 -8.64
N GLU A 34 41.90 23.36 -7.96
CA GLU A 34 41.05 23.24 -6.77
C GLU A 34 39.62 23.57 -7.16
N ASP A 35 38.64 22.95 -6.50
CA ASP A 35 37.28 23.32 -6.83
C ASP A 35 36.99 24.57 -5.99
N LYS A 36 35.85 25.19 -6.23
CA LYS A 36 35.50 26.44 -5.55
C LYS A 36 35.38 26.48 -4.04
N THR A 37 35.05 25.37 -3.40
CA THR A 37 34.89 25.40 -1.96
C THR A 37 35.72 24.44 -1.13
N GLU A 38 36.64 23.68 -1.75
CA GLU A 38 37.42 22.76 -0.94
C GLU A 38 38.32 23.47 0.08
N ARG A 39 38.67 24.74 -0.18
CA ARG A 39 39.49 25.48 0.75
C ARG A 39 38.76 25.61 2.09
N GLU A 40 37.44 25.72 2.03
CA GLU A 40 36.62 25.84 3.23
C GLU A 40 36.76 24.59 4.10
N LEU A 41 36.86 23.44 3.45
CA LEU A 41 37.02 22.19 4.16
C LEU A 41 38.39 22.14 4.83
N LEU A 42 39.43 22.47 4.08
CA LEU A 42 40.79 22.45 4.63
C LEU A 42 40.92 23.45 5.78
N GLU A 43 40.26 24.59 5.67
CA GLU A 43 40.32 25.59 6.74
C GLU A 43 39.62 25.11 8.01
N SER A 44 38.63 24.23 7.86
CA SER A 44 37.91 23.73 9.03
C SER A 44 38.80 22.85 9.91
N TYR A 45 39.93 22.39 9.37
CA TYR A 45 40.84 21.56 10.13
C TYR A 45 41.74 22.37 11.05
N ILE A 46 41.78 23.68 10.86
CA ILE A 46 42.62 24.56 11.68
C ILE A 46 41.99 24.76 13.06
N ASP A 47 42.75 24.50 14.11
CA ASP A 47 42.22 24.67 15.46
C ASP A 47 43.33 24.93 16.47
N ILE B 1 19.26 18.82 -1.79
CA ILE B 1 20.24 19.58 -0.97
C ILE B 1 19.69 20.98 -0.72
N VAL B 2 19.64 21.39 0.54
CA VAL B 2 19.14 22.70 0.93
C VAL B 2 20.29 23.67 1.16
N GLU B 3 20.18 24.87 0.57
CA GLU B 3 21.20 25.91 0.74
C GLU B 3 22.58 25.54 0.21
N GLY B 4 22.60 24.74 -0.86
CA GLY B 4 23.85 24.34 -1.47
C GLY B 4 24.07 25.19 -2.71
N SER B 5 24.96 24.75 -3.57
CA SER B 5 25.24 25.47 -4.82
C SER B 5 25.46 24.45 -5.93
N ASP B 6 25.52 24.94 -7.16
CA ASP B 6 25.74 24.06 -8.30
C ASP B 6 27.14 23.46 -8.21
N ALA B 7 27.23 22.16 -8.45
CA ALA B 7 28.52 21.49 -8.43
C ALA B 7 29.24 21.88 -9.70
N GLU B 8 30.56 21.80 -9.69
CA GLU B 8 31.33 22.10 -10.88
C GLU B 8 31.44 20.79 -11.64
N ILE B 9 31.71 20.86 -12.93
CA ILE B 9 31.83 19.65 -13.72
C ILE B 9 32.96 18.77 -13.18
N GLY B 10 32.65 17.48 -13.00
CA GLY B 10 33.63 16.53 -12.50
C GLY B 10 34.06 16.73 -11.07
N MET B 11 33.31 17.54 -10.34
CA MET B 11 33.63 17.82 -8.94
C MET B 11 33.38 16.64 -8.00
N SER B 12 32.45 15.77 -8.39
CA SER B 12 32.08 14.60 -7.58
C SER B 12 31.92 13.43 -8.56
N PRO B 13 33.03 13.00 -9.17
CA PRO B 13 33.00 11.90 -10.15
C PRO B 13 32.54 10.53 -9.66
N TRP B 14 32.38 10.40 -8.35
CA TRP B 14 31.90 9.16 -7.74
C TRP B 14 30.38 9.23 -7.51
N GLN B 15 29.78 10.35 -7.88
CA GLN B 15 28.35 10.52 -7.70
C GLN B 15 27.55 9.53 -8.55
N VAL B 16 26.60 8.85 -7.93
CA VAL B 16 25.78 7.91 -8.66
C VAL B 16 24.30 8.22 -8.43
N MET B 17 23.52 8.08 -9.50
N MET B 17 23.51 8.12 -9.49
CA MET B 17 22.09 8.31 -9.47
CA MET B 17 22.08 8.39 -9.42
C MET B 17 21.39 6.96 -9.44
C MET B 17 21.35 7.05 -9.47
N LEU B 18 20.52 6.75 -8.46
CA LEU B 18 19.79 5.49 -8.38
C LEU B 18 18.35 5.68 -8.83
N PHE B 19 17.91 4.83 -9.77
CA PHE B 19 16.55 4.91 -10.30
C PHE B 19 15.72 3.65 -10.10
N ARG B 20 14.41 3.85 -10.13
CA ARG B 20 13.45 2.76 -10.04
C ARG B 20 13.00 2.68 -11.50
N LYS B 21 12.27 1.64 -11.86
CA LYS B 21 11.83 1.53 -13.25
C LYS B 21 10.33 1.33 -13.45
N SER B 22 9.90 1.59 -14.69
CA SER B 22 8.50 1.46 -15.10
C SER B 22 7.54 1.80 -13.97
N PRO B 23 7.37 3.10 -13.67
CA PRO B 23 8.03 4.22 -14.34
C PRO B 23 9.43 4.43 -13.78
N GLN B 24 10.30 5.05 -14.57
CA GLN B 24 11.66 5.30 -14.09
C GLN B 24 11.78 6.73 -13.57
N GLU B 25 12.17 6.86 -12.31
CA GLU B 25 12.35 8.17 -11.70
C GLU B 25 13.44 8.11 -10.64
N LEU B 26 14.01 9.26 -10.33
N LEU B 26 13.98 9.27 -10.31
CA LEU B 26 15.09 9.33 -9.36
CA LEU B 26 15.03 9.38 -9.31
C LEU B 26 14.63 8.88 -7.97
C LEU B 26 14.55 8.74 -8.00
N LEU B 27 15.32 7.88 -7.43
N LEU B 27 15.39 7.90 -7.43
CA LEU B 27 14.99 7.35 -6.11
CA LEU B 27 15.05 7.22 -6.18
C LEU B 27 15.92 7.89 -5.05
C LEU B 27 15.93 7.70 -5.04
N CYS B 28 17.22 7.77 -5.30
CA CYS B 28 18.21 8.18 -4.33
C CYS B 28 19.56 8.49 -4.94
N GLY B 29 20.48 8.86 -4.06
CA GLY B 29 21.85 9.11 -4.44
C GLY B 29 22.60 7.82 -4.11
N ALA B 30 23.86 7.76 -4.49
CA ALA B 30 24.71 6.59 -4.27
C ALA B 30 26.12 7.04 -4.58
N SER B 31 27.10 6.17 -4.38
N SER B 31 27.10 6.17 -4.36
CA SER B 31 28.48 6.52 -4.66
CA SER B 31 28.49 6.51 -4.60
C SER B 31 29.22 5.36 -5.29
C SER B 31 29.27 5.34 -5.23
N LEU B 32 30.24 5.68 -6.08
CA LEU B 32 31.05 4.68 -6.77
C LEU B 32 32.33 4.43 -5.98
N ILE B 33 32.59 3.19 -5.57
CA ILE B 33 33.80 2.89 -4.83
C ILE B 33 34.81 2.05 -5.61
N SER B 34 34.39 1.58 -6.79
CA SER B 34 35.26 0.80 -7.69
C SER B 34 34.52 0.72 -9.00
N ASP B 35 35.07 0.03 -9.99
CA ASP B 35 34.34 -0.04 -11.24
C ASP B 35 33.22 -1.10 -11.21
N ARG B 36 33.12 -1.79 -10.07
N ARG B 36 33.05 -1.79 -10.09
CA ARG B 36 32.17 -2.88 -9.90
CA ARG B 36 31.97 -2.77 -10.02
C ARG B 36 31.24 -2.76 -8.68
C ARG B 36 31.07 -2.60 -8.78
N TRP B 37 31.49 -1.77 -7.83
CA TRP B 37 30.68 -1.58 -6.61
C TRP B 37 30.19 -0.17 -6.33
N VAL B 38 28.94 -0.09 -5.89
CA VAL B 38 28.28 1.17 -5.56
C VAL B 38 27.67 1.08 -4.16
N LEU B 39 27.80 2.16 -3.39
CA LEU B 39 27.24 2.22 -2.04
C LEU B 39 26.01 3.12 -2.04
N THR B 40 25.03 2.76 -1.21
CA THR B 40 23.83 3.59 -1.06
C THR B 40 23.23 3.32 0.32
N ALA B 41 22.06 3.88 0.59
CA ALA B 41 21.41 3.67 1.87
C ALA B 41 20.39 2.54 1.78
N ALA B 42 20.29 1.77 2.86
CA ALA B 42 19.33 0.67 2.90
C ALA B 42 17.90 1.18 2.77
N HIS B 43 17.57 2.31 3.38
CA HIS B 43 16.19 2.78 3.29
C HIS B 43 15.77 3.25 1.90
N CYS B 44 16.72 3.32 0.97
CA CYS B 44 16.40 3.67 -0.40
C CYS B 44 15.77 2.45 -1.07
N LEU B 45 16.10 1.28 -0.56
CA LEU B 45 15.64 0.03 -1.14
C LEU B 45 14.62 -0.80 -0.38
N LEU B 46 14.67 -0.73 0.94
CA LEU B 46 13.81 -1.59 1.74
C LEU B 46 13.13 -0.94 2.93
N TYR B 47 11.82 -1.17 3.02
CA TYR B 47 11.02 -0.69 4.14
C TYR B 47 9.74 -1.52 4.15
N PRO B 48 9.75 -2.63 4.90
CA PRO B 48 8.62 -3.56 5.03
C PRO B 48 7.24 -2.94 5.29
N PRO B 49 7.15 -1.97 6.22
CA PRO B 49 5.84 -1.36 6.49
C PRO B 49 5.13 -0.79 5.25
N TRP B 50 5.91 -0.33 4.28
CA TRP B 50 5.35 0.22 3.04
C TRP B 50 5.49 -0.77 1.90
N ASP B 51 5.87 -1.99 2.21
CA ASP B 51 6.07 -3.00 1.18
C ASP B 51 7.08 -2.51 0.15
N LYS B 52 8.06 -1.72 0.60
CA LYS B 52 9.09 -1.23 -0.30
C LYS B 52 10.20 -2.27 -0.30
N ASN B 53 10.49 -2.81 -1.47
CA ASN B 53 11.53 -3.83 -1.59
C ASN B 53 12.06 -3.87 -3.01
N PHE B 54 12.88 -2.87 -3.34
CA PHE B 54 13.48 -2.77 -4.66
C PHE B 54 14.64 -3.74 -4.82
N THR B 55 14.56 -4.58 -5.85
CA THR B 55 15.60 -5.55 -6.13
C THR B 55 16.37 -5.14 -7.36
N GLU B 56 17.33 -5.97 -7.78
CA GLU B 56 18.15 -5.68 -8.94
C GLU B 56 17.32 -5.35 -10.17
N ASN B 57 16.28 -6.14 -10.40
CA ASN B 57 15.41 -5.97 -11.57
C ASN B 57 14.53 -4.73 -11.57
N ASP B 58 14.45 -4.04 -10.44
CA ASP B 58 13.61 -2.85 -10.35
C ASP B 58 14.44 -1.58 -10.42
N LEU B 59 15.76 -1.73 -10.43
CA LEU B 59 16.64 -0.58 -10.44
C LEU B 59 17.65 -0.46 -11.56
N LEU B 60 18.24 0.72 -11.64
CA LEU B 60 19.25 1.04 -12.63
C LEU B 60 20.04 2.22 -12.06
N VAL B 61 21.30 2.35 -12.44
CA VAL B 61 22.11 3.46 -11.94
C VAL B 61 22.74 4.24 -13.08
N ARG B 62 22.79 5.56 -12.91
N ARG B 62 22.79 5.55 -12.90
CA ARG B 62 23.38 6.44 -13.91
CA ARG B 62 23.39 6.44 -13.90
C ARG B 62 24.62 7.07 -13.29
C ARG B 62 24.63 7.05 -13.27
N ILE B 63 25.76 6.90 -13.96
CA ILE B 63 27.04 7.39 -13.47
C ILE B 63 27.66 8.46 -14.36
N GLY B 64 28.36 9.41 -13.74
CA GLY B 64 29.02 10.47 -14.48
C GLY B 64 28.14 11.66 -14.82
N LYS B 65 26.97 11.75 -14.18
CA LYS B 65 26.03 12.84 -14.46
C LYS B 65 26.25 14.15 -13.73
N HIS B 66 25.72 15.21 -14.34
CA HIS B 66 25.78 16.55 -13.78
C HIS B 66 24.36 17.09 -13.78
N SER B 67 23.70 17.02 -14.94
CA SER B 67 22.33 17.48 -15.05
C SER B 67 21.38 16.48 -14.42
N ARG B 68 20.33 17.00 -13.77
N ARG B 68 20.34 16.98 -13.76
CA ARG B 68 19.34 16.16 -13.09
CA ARG B 68 19.36 16.12 -13.11
C ARG B 68 18.38 15.52 -14.10
C ARG B 68 18.42 15.48 -14.13
N THR B 69 18.12 16.21 -15.20
CA THR B 69 17.21 15.72 -16.21
C THR B 69 17.75 15.45 -17.61
N ARG B 70 18.80 16.15 -18.00
N ARG B 70 18.79 16.16 -18.01
CA ARG B 70 19.37 15.99 -19.33
CA ARG B 70 19.36 15.98 -19.35
C ARG B 70 20.36 14.81 -19.47
C ARG B 70 20.34 14.81 -19.46
N TYR B 71 20.14 13.98 -20.49
CA TYR B 71 21.01 12.84 -20.74
C TYR B 71 22.29 13.44 -21.29
N GLU B 72 23.43 12.99 -20.78
CA GLU B 72 24.71 13.53 -21.19
C GLU B 72 25.52 12.52 -22.04
N ARG B 73 25.40 12.67 -23.36
N ARG B 73 25.37 12.64 -23.36
CA ARG B 73 26.05 11.81 -24.34
CA ARG B 73 26.02 11.76 -24.32
C ARG B 73 27.55 11.52 -24.15
C ARG B 73 27.54 11.70 -24.23
N ASN B 74 27.88 10.24 -24.19
N ASN B 74 28.07 10.48 -24.28
CA ASN B 74 29.25 9.75 -24.04
CA ASN B 74 29.50 10.23 -24.20
C ASN B 74 29.93 10.12 -22.71
C ASN B 74 30.07 10.73 -22.88
N ILE B 75 29.20 10.85 -21.88
CA ILE B 75 29.69 11.28 -20.57
C ILE B 75 29.06 10.40 -19.49
N GLU B 76 27.74 10.35 -19.46
CA GLU B 76 27.09 9.53 -18.45
C GLU B 76 27.02 8.07 -18.91
N LYS B 77 27.01 7.18 -17.94
CA LYS B 77 26.93 5.76 -18.23
C LYS B 77 25.82 5.14 -17.40
N ILE B 78 25.01 4.30 -18.06
N ILE B 78 25.08 4.23 -18.04
CA ILE B 78 23.89 3.65 -17.38
CA ILE B 78 23.99 3.55 -17.37
C ILE B 78 24.20 2.18 -17.20
C ILE B 78 24.44 2.12 -17.08
N SER B 79 23.73 1.62 -16.08
N SER B 79 24.32 1.71 -15.83
CA SER B 79 23.98 0.21 -15.79
CA SER B 79 24.73 0.37 -15.42
C SER B 79 22.92 -0.40 -14.90
C SER B 79 23.61 -0.36 -14.72
N MET B 80 22.75 -1.72 -15.03
N MET B 80 23.31 -1.56 -15.20
CA MET B 80 21.81 -2.47 -14.23
CA MET B 80 22.28 -2.37 -14.57
C MET B 80 22.60 -3.09 -13.08
C MET B 80 22.95 -2.98 -13.34
N LEU B 81 21.91 -3.63 -12.08
N LEU B 81 22.16 -3.60 -12.49
CA LEU B 81 22.59 -4.23 -10.94
CA LEU B 81 22.71 -4.21 -11.27
C LEU B 81 22.52 -5.74 -10.97
C LEU B 81 22.63 -5.73 -11.34
N GLU B 82 23.68 -6.39 -10.86
CA GLU B 82 23.73 -7.84 -10.85
C GLU B 82 23.02 -8.30 -9.59
N LYS B 83 23.35 -7.67 -8.47
CA LYS B 83 22.74 -8.00 -7.20
C LYS B 83 22.87 -6.87 -6.18
N ILE B 84 21.95 -6.83 -5.22
N ILE B 84 21.95 -6.85 -5.22
CA ILE B 84 21.98 -5.81 -4.19
CA ILE B 84 21.97 -5.83 -4.17
C ILE B 84 22.07 -6.51 -2.83
C ILE B 84 22.10 -6.53 -2.83
N TYR B 85 22.85 -5.92 -1.92
CA TYR B 85 23.05 -6.50 -0.60
C TYR B 85 22.81 -5.48 0.50
N ILE B 86 21.76 -5.70 1.28
CA ILE B 86 21.40 -4.80 2.37
C ILE B 86 21.91 -5.37 3.68
N HIS B 87 22.38 -4.50 4.58
CA HIS B 87 22.88 -4.98 5.86
C HIS B 87 21.77 -5.77 6.54
N PRO B 88 22.06 -7.02 6.94
CA PRO B 88 21.06 -7.87 7.59
C PRO B 88 20.47 -7.33 8.89
N ARG B 89 21.20 -6.45 9.57
N ARG B 89 21.22 -6.45 9.55
CA ARG B 89 20.67 -5.89 10.81
CA ARG B 89 20.77 -5.85 10.80
C ARG B 89 20.23 -4.44 10.66
C ARG B 89 20.34 -4.40 10.64
N TYR B 90 19.94 -4.04 9.42
CA TYR B 90 19.46 -2.69 9.15
C TYR B 90 18.17 -2.61 9.97
N ASN B 91 18.14 -1.69 10.93
CA ASN B 91 17.00 -1.55 11.86
C ASN B 91 15.89 -0.63 11.36
N TRP B 92 15.07 -1.11 10.43
CA TRP B 92 13.98 -0.33 9.87
C TRP B 92 12.83 -0.13 10.85
N ARG B 93 12.77 -0.97 11.87
CA ARG B 93 11.70 -0.90 12.87
C ARG B 93 11.88 0.25 13.85
N GLU B 94 13.12 0.69 14.07
CA GLU B 94 13.34 1.73 15.06
C GLU B 94 14.02 3.03 14.63
N ASN B 95 15.30 2.95 14.32
CA ASN B 95 16.09 4.13 14.01
C ASN B 95 16.92 4.10 12.73
N LEU B 96 16.67 3.13 11.85
CA LEU B 96 17.43 2.99 10.61
C LEU B 96 18.91 2.78 10.88
N ASP B 97 19.22 2.09 11.97
CA ASP B 97 20.61 1.79 12.34
C ASP B 97 21.17 0.91 11.22
N ARG B 98 22.44 1.13 10.88
CA ARG B 98 23.12 0.38 9.82
C ARG B 98 22.38 0.57 8.49
N ASP B 99 22.16 1.83 8.13
CA ASP B 99 21.46 2.19 6.91
C ASP B 99 22.45 2.14 5.76
N ILE B 100 22.73 0.94 5.29
CA ILE B 100 23.71 0.78 4.24
C ILE B 100 23.37 -0.39 3.34
N ALA B 101 23.71 -0.25 2.06
CA ALA B 101 23.49 -1.30 1.08
C ALA B 101 24.58 -1.21 0.01
N LEU B 102 24.99 -2.37 -0.49
CA LEU B 102 25.99 -2.42 -1.54
C LEU B 102 25.30 -2.93 -2.80
N MET B 103 25.69 -2.39 -3.94
CA MET B 103 25.12 -2.79 -5.21
C MET B 103 26.24 -3.12 -6.17
N LYS B 104 26.17 -4.30 -6.76
CA LYS B 104 27.18 -4.76 -7.71
C LYS B 104 26.69 -4.52 -9.12
N LEU B 105 27.52 -3.85 -9.93
CA LEU B 105 27.15 -3.54 -11.31
C LEU B 105 27.17 -4.79 -12.17
N LYS B 106 26.21 -4.90 -13.07
CA LYS B 106 26.11 -6.04 -13.97
C LYS B 106 27.36 -6.12 -14.84
N LYS B 107 27.90 -4.95 -15.18
CA LYS B 107 29.11 -4.87 -15.99
C LYS B 107 29.93 -3.68 -15.46
N PRO B 108 31.23 -3.88 -15.29
CA PRO B 108 32.08 -2.79 -14.78
C PRO B 108 31.95 -1.51 -15.60
N VAL B 109 31.99 -0.36 -14.94
N VAL B 109 32.00 -0.37 -14.93
CA VAL B 109 31.89 0.92 -15.62
CA VAL B 109 31.90 0.92 -15.60
C VAL B 109 33.29 1.44 -15.91
C VAL B 109 33.30 1.45 -15.90
N ALA B 110 33.47 2.05 -17.08
CA ALA B 110 34.76 2.60 -17.47
C ALA B 110 34.95 3.96 -16.82
N PHE B 111 36.15 4.22 -16.30
CA PHE B 111 36.41 5.50 -15.68
C PHE B 111 36.70 6.54 -16.75
N SER B 112 36.53 7.79 -16.39
CA SER B 112 36.75 8.90 -17.30
C SER B 112 36.96 10.15 -16.46
N ASP B 113 36.97 11.31 -17.12
CA ASP B 113 37.13 12.56 -16.40
C ASP B 113 35.92 12.80 -15.50
N TYR B 114 34.82 12.14 -15.80
CA TYR B 114 33.56 12.32 -15.06
C TYR B 114 33.15 11.16 -14.16
N ILE B 115 33.86 10.04 -14.28
CA ILE B 115 33.55 8.84 -13.49
C ILE B 115 34.85 8.36 -12.85
N HIS B 116 34.89 8.37 -11.53
CA HIS B 116 36.08 7.98 -10.79
C HIS B 116 35.65 7.63 -9.39
N PRO B 117 36.19 6.54 -8.82
CA PRO B 117 35.78 6.16 -7.46
C PRO B 117 36.35 6.99 -6.33
N VAL B 118 35.58 7.03 -5.24
CA VAL B 118 35.97 7.74 -4.04
C VAL B 118 36.66 6.71 -3.14
N CYS B 119 37.46 7.16 -2.18
CA CYS B 119 38.13 6.23 -1.28
C CYS B 119 37.30 5.95 -0.04
N LEU B 120 37.48 4.76 0.52
CA LEU B 120 36.82 4.42 1.79
C LEU B 120 37.95 4.56 2.80
N PRO B 121 37.65 5.12 3.97
CA PRO B 121 38.64 5.34 5.02
C PRO B 121 39.23 4.17 5.77
N ASP B 122 40.50 4.35 6.13
CA ASP B 122 41.25 3.40 6.93
C ASP B 122 41.00 3.96 8.33
N ARG B 123 41.35 3.19 9.36
CA ARG B 123 41.12 3.62 10.73
C ARG B 123 41.71 4.97 11.09
N GLU B 124 42.95 5.21 10.69
CA GLU B 124 43.63 6.47 10.99
C GLU B 124 42.96 7.65 10.31
N THR B 125 42.61 7.50 9.05
CA THR B 125 41.97 8.59 8.34
C THR B 125 40.61 8.94 8.97
N ALA B 126 39.85 7.92 9.35
CA ALA B 126 38.55 8.13 9.97
C ALA B 126 38.70 8.84 11.31
N ALA B 127 39.68 8.40 12.11
CA ALA B 127 39.91 9.01 13.41
C ALA B 127 40.37 10.45 13.25
N SER B 128 41.18 10.69 12.23
CA SER B 128 41.73 12.01 11.94
C SER B 128 40.74 13.00 11.35
N LEU B 129 39.86 12.52 10.47
CA LEU B 129 38.92 13.41 9.80
C LEU B 129 37.52 13.52 10.40
N LEU B 130 36.95 12.41 10.87
CA LEU B 130 35.61 12.47 11.41
C LEU B 130 35.58 13.03 12.83
N GLN B 131 35.78 14.34 12.93
CA GLN B 131 35.80 15.02 14.23
C GLN B 131 34.89 16.24 14.22
N ALA B 132 34.25 16.49 15.36
CA ALA B 132 33.35 17.63 15.52
C ALA B 132 34.04 18.92 15.07
N GLY B 133 33.33 19.71 14.27
CA GLY B 133 33.90 20.97 13.81
C GLY B 133 34.48 20.89 12.42
N TYR B 134 35.02 19.74 12.05
CA TYR B 134 35.59 19.57 10.71
C TYR B 134 34.44 19.49 9.72
N LYS B 135 34.63 20.05 8.54
CA LYS B 135 33.60 20.04 7.53
C LYS B 135 33.79 18.97 6.47
N GLY B 136 32.66 18.38 6.09
CA GLY B 136 32.63 17.38 5.03
C GLY B 136 31.72 17.96 3.97
N ARG B 137 31.49 17.21 2.91
CA ARG B 137 30.69 17.68 1.78
C ARG B 137 29.62 16.68 1.38
N VAL B 138 28.41 17.17 1.15
CA VAL B 138 27.30 16.33 0.73
C VAL B 138 26.83 16.79 -0.64
N THR B 139 26.51 15.82 -1.49
CA THR B 139 26.06 16.11 -2.85
C THR B 139 24.79 15.32 -3.18
N GLY B 140 23.98 15.87 -4.08
CA GLY B 140 22.77 15.17 -4.46
C GLY B 140 21.85 15.98 -5.35
N TRP B 141 20.84 15.31 -5.88
CA TRP B 141 19.85 15.92 -6.76
C TRP B 141 18.50 15.96 -6.05
N GLY B 142 18.53 15.91 -4.72
CA GLY B 142 17.30 15.93 -3.94
C GLY B 142 16.70 17.32 -3.88
N ASN B 143 15.57 17.45 -3.21
CA ASN B 143 14.88 18.74 -3.10
C ASN B 143 15.68 19.86 -2.46
N LEU B 144 15.39 21.09 -2.91
CA LEU B 144 16.06 22.28 -2.42
C LEU B 144 15.48 22.82 -1.12
N LYS B 145 14.29 22.34 -0.77
CA LYS B 145 13.62 22.78 0.45
C LYS B 145 12.73 21.66 0.96
N GLU B 146 12.46 21.67 2.26
CA GLU B 146 11.61 20.65 2.86
C GLU B 146 10.20 20.68 2.28
N THR B 147 9.69 21.90 2.05
CA THR B 147 8.35 22.06 1.51
C THR B 147 8.26 23.25 0.56
N LYS B 154 12.51 25.72 -3.51
N LYS B 154 8.36 21.68 -8.14
CA LYS B 154 12.67 26.13 -4.89
CA LYS B 154 8.47 20.89 -6.93
C LYS B 154 12.33 24.98 -5.83
C LYS B 154 9.75 21.22 -6.17
N GLY B 155 12.03 23.82 -5.26
N GLY B 155 10.46 22.23 -6.63
CA GLY B 155 11.68 22.66 -6.05
CA GLY B 155 11.70 22.64 -5.99
C GLY B 155 12.83 21.69 -6.20
C GLY B 155 12.83 21.64 -6.19
N GLN B 156 13.11 21.31 -7.44
CA GLN B 156 14.19 20.38 -7.75
C GLN B 156 15.27 21.13 -8.52
N PRO B 157 16.55 20.79 -8.27
CA PRO B 157 17.69 21.43 -8.95
C PRO B 157 17.89 21.02 -10.40
N SER B 158 18.46 21.92 -11.19
N SER B 158 18.46 21.92 -11.19
CA SER B 158 18.73 21.65 -12.60
CA SER B 158 18.72 21.63 -12.59
C SER B 158 19.98 20.78 -12.70
C SER B 158 19.98 20.77 -12.70
N VAL B 159 20.92 20.98 -11.79
CA VAL B 159 22.17 20.22 -11.79
C VAL B 159 22.54 19.80 -10.38
N LEU B 160 23.48 18.87 -10.29
CA LEU B 160 23.95 18.34 -9.01
C LEU B 160 24.26 19.47 -8.02
N GLN B 161 23.75 19.32 -6.80
CA GLN B 161 23.98 20.32 -5.76
C GLN B 161 25.05 19.85 -4.77
N VAL B 162 25.74 20.83 -4.19
N VAL B 162 25.75 20.83 -4.20
CA VAL B 162 26.79 20.55 -3.22
CA VAL B 162 26.80 20.55 -3.23
C VAL B 162 26.69 21.47 -2.03
C VAL B 162 26.72 21.48 -2.03
N VAL B 163 26.98 20.95 -0.84
CA VAL B 163 26.97 21.76 0.35
C VAL B 163 28.02 21.22 1.33
N ASN B 164 28.76 22.12 1.96
CA ASN B 164 29.78 21.74 2.94
C ASN B 164 29.16 21.91 4.32
N LEU B 165 29.29 20.89 5.16
CA LEU B 165 28.69 20.93 6.50
C LEU B 165 29.63 20.42 7.58
N PRO B 166 29.57 21.04 8.77
CA PRO B 166 30.44 20.60 9.87
C PRO B 166 29.89 19.41 10.64
N ILE B 167 30.78 18.52 11.05
CA ILE B 167 30.41 17.36 11.83
C ILE B 167 30.06 17.90 13.22
N VAL B 168 29.04 17.31 13.84
CA VAL B 168 28.56 17.75 15.15
C VAL B 168 28.92 16.75 16.24
N GLU B 169 29.21 17.27 17.44
CA GLU B 169 29.55 16.43 18.59
C GLU B 169 28.42 15.45 18.87
N ARG B 170 28.76 14.21 19.19
CA ARG B 170 27.73 13.20 19.45
C ARG B 170 26.69 13.61 20.51
N PRO B 171 27.12 14.22 21.63
CA PRO B 171 26.12 14.62 22.64
C PRO B 171 25.08 15.61 22.08
N VAL B 172 25.52 16.50 21.20
CA VAL B 172 24.62 17.48 20.60
C VAL B 172 23.68 16.76 19.62
N CYS B 173 24.22 15.80 18.87
CA CYS B 173 23.40 15.04 17.94
C CYS B 173 22.31 14.32 18.72
N LYS B 174 22.70 13.71 19.84
CA LYS B 174 21.77 12.96 20.66
C LYS B 174 20.66 13.83 21.24
N ASP B 175 21.06 15.00 21.73
N ASP B 175 21.02 14.99 21.76
CA ASP B 175 20.13 15.94 22.33
CA ASP B 175 20.03 15.87 22.34
C ASP B 175 19.19 16.61 21.32
C ASP B 175 19.12 16.53 21.30
N SER B 176 19.53 16.50 20.04
CA SER B 176 18.72 17.11 18.99
C SER B 176 17.54 16.27 18.52
N THR B 177 17.46 15.02 18.95
CA THR B 177 16.39 14.13 18.52
C THR B 177 15.95 13.12 19.57
N ARG B 178 14.72 12.64 19.45
CA ARG B 178 14.16 11.65 20.36
C ARG B 178 14.59 10.26 19.92
N ILE B 179 15.06 10.17 18.68
N ILE B 179 15.04 10.16 18.67
CA ILE B 179 15.52 8.91 18.11
CA ILE B 179 15.48 8.88 18.13
C ILE B 179 16.80 8.44 18.79
C ILE B 179 16.78 8.44 18.78
N ARG B 180 16.90 7.15 19.05
CA ARG B 180 18.08 6.59 19.68
C ARG B 180 19.21 6.58 18.65
N ILE B 181 20.25 7.37 18.90
CA ILE B 181 21.38 7.44 17.99
C ILE B 181 22.39 6.34 18.35
N THR B 182 22.98 5.71 17.34
CA THR B 182 23.95 4.65 17.58
C THR B 182 25.32 5.07 17.06
N ASP B 183 26.34 4.26 17.36
CA ASP B 183 27.69 4.55 16.91
C ASP B 183 27.86 4.33 15.41
N ASN B 184 26.83 3.82 14.75
CA ASN B 184 26.91 3.59 13.30
C ASN B 184 26.35 4.79 12.57
N MET B 185 26.14 5.87 13.32
CA MET B 185 25.60 7.10 12.75
C MET B 185 26.39 8.30 13.26
N PHE B 186 26.41 9.37 12.48
CA PHE B 186 27.00 10.62 12.96
C PHE B 186 26.08 11.67 12.38
N CYS B 187 26.10 12.88 12.93
CA CYS B 187 25.24 13.90 12.39
C CYS B 187 26.08 15.12 12.00
N ALA B 188 25.57 15.92 11.08
CA ALA B 188 26.31 17.08 10.62
C ALA B 188 25.34 18.22 10.28
N GLY B 189 25.85 19.43 10.32
CA GLY B 189 25.02 20.58 10.03
C GLY B 189 25.42 21.72 10.93
N TYR B 190 24.98 22.90 10.54
CA TYR B 190 25.29 24.09 11.31
C TYR B 190 24.35 24.35 12.47
N LYS B 191 24.81 25.39 13.16
N LYS B 191 24.95 24.88 13.53
CA LYS B 191 24.18 26.08 14.26
CA LYS B 191 24.22 25.16 14.74
C LYS B 191 22.95 25.47 14.93
C LYS B 191 23.55 26.50 14.59
N PRO B 192 21.86 26.24 15.18
N PRO B 192 22.42 26.71 15.28
CA PRO B 192 21.36 27.61 15.02
CA PRO B 192 21.66 27.96 15.22
C PRO B 192 22.22 28.83 15.40
C PRO B 192 22.52 29.21 15.35
N ASP B 193 23.37 28.60 16.03
N ASP B 193 23.57 29.13 16.16
CA ASP B 193 24.25 29.71 16.40
CA ASP B 193 24.45 30.26 16.41
C ASP B 193 25.57 29.69 15.64
C ASP B 193 25.62 30.40 15.44
N GLU B 194 25.52 29.89 14.31
N GLU B 194 25.78 29.45 14.52
CA GLU B 194 26.72 29.89 13.49
CA GLU B 194 26.90 29.51 13.59
C GLU B 194 26.66 30.80 12.26
C GLU B 194 26.65 30.42 12.36
N GLY B 195 25.45 31.12 11.81
N GLY B 195 25.43 30.91 12.23
CA GLY B 195 25.31 32.02 10.67
CA GLY B 195 25.10 31.81 11.14
C GLY B 195 25.29 31.37 9.29
C GLY B 195 24.98 31.31 9.71
N LYS B 196 25.41 30.05 9.23
N LYS B 196 25.28 30.04 9.46
CA LYS B 196 25.40 29.34 7.95
CA LYS B 196 25.17 29.48 8.12
C LYS B 196 24.44 28.16 8.01
C LYS B 196 24.15 28.36 8.10
N ARG B 197 23.72 27.94 6.91
CA ARG B 197 22.74 26.85 6.82
C ARG B 197 23.14 25.78 5.81
N GLY B 198 22.28 24.76 5.67
CA GLY B 198 22.57 23.70 4.73
C GLY B 198 22.21 22.33 5.26
N ASP B 199 21.71 21.46 4.39
CA ASP B 199 21.32 20.12 4.81
C ASP B 199 20.98 19.28 3.58
N ALA B 200 20.87 17.97 3.78
CA ALA B 200 20.47 17.10 2.68
C ALA B 200 18.95 17.08 2.82
N CYS B 201 18.25 16.51 1.84
CA CYS B 201 16.80 16.45 1.89
C CYS B 201 16.25 15.31 1.04
N GLU B 202 14.94 15.30 0.84
CA GLU B 202 14.28 14.26 0.05
C GLU B 202 14.93 14.02 -1.31
N GLY B 203 15.40 12.79 -1.53
CA GLY B 203 16.05 12.48 -2.78
C GLY B 203 17.57 12.41 -2.68
N ASP B 204 18.12 12.86 -1.56
CA ASP B 204 19.58 12.85 -1.37
C ASP B 204 20.07 11.62 -0.62
N ALA B 205 19.17 10.85 -0.01
CA ALA B 205 19.56 9.67 0.74
C ALA B 205 20.40 8.77 -0.13
N GLY B 206 21.36 8.09 0.49
CA GLY B 206 22.21 7.19 -0.28
C GLY B 206 23.43 7.85 -0.86
N GLY B 207 23.40 9.18 -0.95
CA GLY B 207 24.53 9.94 -1.47
C GLY B 207 25.70 9.96 -0.50
N PRO B 208 26.87 10.40 -0.95
CA PRO B 208 28.03 10.44 -0.07
C PRO B 208 28.30 11.72 0.71
N PHE B 209 28.85 11.55 1.91
CA PHE B 209 29.31 12.65 2.75
C PHE B 209 30.82 12.39 2.64
N VAL B 210 31.52 13.28 1.96
CA VAL B 210 32.96 13.09 1.76
C VAL B 210 33.81 14.14 2.44
N MET B 211 35.08 13.80 2.66
CA MET B 211 36.02 14.70 3.26
C MET B 211 37.33 14.56 2.53
N LYS B 212 38.04 15.67 2.38
CA LYS B 212 39.33 15.62 1.70
C LYS B 212 40.43 15.49 2.73
N SER B 213 41.26 14.46 2.55
CA SER B 213 42.37 14.25 3.46
C SER B 213 43.53 15.18 3.11
N PRO B 214 44.01 15.95 4.09
CA PRO B 214 45.12 16.86 3.83
C PRO B 214 46.45 16.09 3.83
N PHE B 215 46.37 14.82 4.25
CA PHE B 215 47.55 13.96 4.33
C PHE B 215 47.94 13.31 3.02
N ASN B 216 46.98 13.08 2.13
CA ASN B 216 47.31 12.50 0.83
C ASN B 216 46.51 13.14 -0.31
N ASN B 217 45.79 14.21 0.01
CA ASN B 217 45.02 14.97 -0.97
C ASN B 217 43.87 14.19 -1.61
N ARG B 218 43.46 13.09 -1.00
CA ARG B 218 42.37 12.28 -1.55
C ARG B 218 41.02 12.44 -0.85
N TRP B 219 39.96 12.27 -1.62
CA TRP B 219 38.60 12.34 -1.07
C TRP B 219 38.18 10.99 -0.53
N TYR B 220 37.69 11.00 0.70
CA TYR B 220 37.22 9.81 1.40
C TYR B 220 35.75 9.92 1.72
N GLN B 221 35.01 8.84 1.52
CA GLN B 221 33.58 8.86 1.86
C GLN B 221 33.46 8.42 3.31
N MET B 222 33.12 9.37 4.17
CA MET B 222 32.98 9.11 5.60
C MET B 222 31.56 8.71 5.98
N GLY B 223 30.59 9.11 5.16
CA GLY B 223 29.21 8.77 5.47
C GLY B 223 28.31 8.62 4.27
N ILE B 224 27.12 8.11 4.53
CA ILE B 224 26.07 7.92 3.53
C ILE B 224 24.89 8.74 4.05
N VAL B 225 24.31 9.57 3.19
CA VAL B 225 23.16 10.37 3.62
C VAL B 225 22.09 9.38 4.09
N SER B 226 21.69 9.52 5.34
CA SER B 226 20.69 8.63 5.92
C SER B 226 19.42 9.42 6.21
N TRP B 227 18.91 9.32 7.44
CA TRP B 227 17.68 10.01 7.79
C TRP B 227 17.84 11.40 8.41
N GLY B 228 16.70 12.03 8.63
CA GLY B 228 16.67 13.34 9.24
C GLY B 228 15.25 13.54 9.73
N GLU B 229 14.92 14.77 10.10
CA GLU B 229 13.57 15.10 10.55
C GLU B 229 13.32 16.42 9.85
N GLY B 230 12.64 16.32 8.71
CA GLY B 230 12.40 17.50 7.91
C GLY B 230 13.75 17.81 7.27
N CYS B 231 13.94 19.04 6.82
CA CYS B 231 15.21 19.44 6.20
C CYS B 231 15.57 20.86 6.61
N ASP B 232 16.83 21.03 7.00
CA ASP B 232 17.37 22.33 7.40
C ASP B 232 16.57 23.03 8.50
N ARG B 233 15.97 22.25 9.40
CA ARG B 233 15.21 22.85 10.51
C ARG B 233 16.16 23.35 11.59
N ASP B 234 15.77 24.41 12.29
N ASP B 234 15.73 24.38 12.32
CA ASP B 234 16.63 24.96 13.33
CA ASP B 234 16.54 24.96 13.38
C ASP B 234 16.81 23.97 14.48
C ASP B 234 16.79 23.94 14.50
N GLY B 235 18.05 23.82 14.91
CA GLY B 235 18.36 22.92 16.00
C GLY B 235 18.28 21.43 15.67
N LYS B 236 18.21 21.11 14.38
CA LYS B 236 18.15 19.71 13.95
C LYS B 236 19.37 19.47 13.09
N TYR B 237 19.74 18.21 12.92
CA TYR B 237 20.90 17.87 12.11
C TYR B 237 20.62 16.66 11.26
N GLY B 238 21.28 16.59 10.11
CA GLY B 238 21.09 15.44 9.24
C GLY B 238 21.94 14.32 9.78
N PHE B 239 21.47 13.08 9.60
CA PHE B 239 22.23 11.93 10.07
C PHE B 239 22.81 11.15 8.92
N TYR B 240 23.96 10.55 9.18
CA TYR B 240 24.70 9.83 8.15
C TYR B 240 25.18 8.50 8.68
N THR B 241 25.22 7.51 7.78
CA THR B 241 25.72 6.19 8.15
C THR B 241 27.23 6.31 8.26
N HIS B 242 27.77 5.81 9.37
CA HIS B 242 29.20 5.86 9.67
C HIS B 242 29.90 4.79 8.84
N VAL B 243 30.41 5.17 7.67
CA VAL B 243 31.04 4.21 6.77
C VAL B 243 32.18 3.38 7.37
N PHE B 244 33.09 4.03 8.08
CA PHE B 244 34.19 3.26 8.65
C PHE B 244 33.71 2.18 9.62
N ARG B 245 32.73 2.51 10.46
CA ARG B 245 32.27 1.51 11.41
C ARG B 245 31.60 0.30 10.78
N LEU B 246 31.23 0.43 9.51
N LEU B 246 31.23 0.41 9.51
CA LEU B 246 30.57 -0.67 8.79
CA LEU B 246 30.58 -0.69 8.82
C LEU B 246 31.49 -1.23 7.71
C LEU B 246 31.51 -1.28 7.74
N LYS B 247 32.77 -0.86 7.77
CA LYS B 247 33.75 -1.32 6.80
C LYS B 247 33.97 -2.83 6.83
N LYS B 248 33.90 -3.43 8.02
CA LYS B 248 34.07 -4.88 8.12
C LYS B 248 32.95 -5.59 7.37
N TRP B 249 31.74 -5.05 7.46
CA TRP B 249 30.60 -5.62 6.76
C TRP B 249 30.80 -5.45 5.26
N ILE B 250 31.21 -4.26 4.85
CA ILE B 250 31.47 -3.99 3.43
C ILE B 250 32.49 -5.00 2.89
N GLN B 251 33.57 -5.19 3.63
CA GLN B 251 34.61 -6.14 3.23
C GLN B 251 34.06 -7.56 3.07
N LYS B 252 33.25 -8.00 4.03
N LYS B 252 33.25 -7.97 4.04
CA LYS B 252 32.67 -9.33 3.97
CA LYS B 252 32.64 -9.30 4.02
C LYS B 252 31.76 -9.52 2.77
C LYS B 252 31.75 -9.52 2.80
N VAL B 253 30.89 -8.55 2.52
CA VAL B 253 29.99 -8.63 1.39
C VAL B 253 30.75 -8.68 0.08
N ILE B 254 31.75 -7.81 -0.05
CA ILE B 254 32.54 -7.78 -1.27
C ILE B 254 33.28 -9.08 -1.47
N ASP B 255 33.81 -9.64 -0.39
N ASP B 255 33.82 -9.62 -0.38
CA ASP B 255 34.55 -10.92 -0.48
CA ASP B 255 34.56 -10.88 -0.47
C ASP B 255 33.67 -12.05 -0.98
C ASP B 255 33.67 -12.05 -0.87
N GLN B 256 32.48 -12.17 -0.41
N GLN B 256 32.43 -12.05 -0.39
CA GLN B 256 31.56 -13.24 -0.78
CA GLN B 256 31.51 -13.14 -0.69
C GLN B 256 30.86 -13.11 -2.12
C GLN B 256 30.85 -13.09 -2.07
N PHE B 257 30.58 -11.88 -2.54
CA PHE B 257 29.87 -11.70 -3.81
C PHE B 257 30.56 -10.91 -4.92
N GLY B 258 31.73 -10.36 -4.63
CA GLY B 258 32.42 -9.54 -5.61
C GLY B 258 32.94 -10.19 -6.86
N GLU B 259 33.46 -11.40 -6.76
CA GLU B 259 34.01 -12.06 -7.94
C GLU B 259 32.93 -12.45 -8.94
N ASP C 36 -18.18 -20.94 -6.38
CA ASP C 36 -19.10 -21.54 -5.38
C ASP C 36 -20.54 -21.05 -5.57
N PHE C 37 -21.43 -21.49 -4.69
CA PHE C 37 -22.84 -21.12 -4.74
C PHE C 37 -23.04 -19.59 -4.76
N THR C 38 -22.31 -18.90 -3.88
CA THR C 38 -22.40 -17.45 -3.80
C THR C 38 -22.15 -16.79 -5.15
N PHE C 39 -21.13 -17.28 -5.86
CA PHE C 39 -20.76 -16.72 -7.15
C PHE C 39 -21.66 -17.18 -8.28
N ASP C 40 -22.21 -18.38 -8.18
CA ASP C 40 -23.13 -18.89 -9.19
C ASP C 40 -24.38 -18.03 -9.13
N LEU C 41 -24.76 -17.64 -7.90
CA LEU C 41 -25.93 -16.80 -7.70
C LEU C 41 -25.63 -15.41 -8.26
N TYR C 42 -24.45 -14.88 -7.95
CA TYR C 42 -24.10 -13.56 -8.45
C TYR C 42 -24.30 -13.51 -9.96
N ARG C 43 -23.65 -14.44 -10.67
CA ARG C 43 -23.75 -14.48 -12.12
C ARG C 43 -25.20 -14.63 -12.59
N ALA C 44 -25.97 -15.43 -11.88
CA ALA C 44 -27.37 -15.65 -12.24
C ALA C 44 -28.14 -14.33 -12.16
N LEU C 45 -27.85 -13.54 -11.13
CA LEU C 45 -28.53 -12.26 -10.95
C LEU C 45 -28.09 -11.24 -11.99
N ALA C 46 -26.80 -11.22 -12.30
CA ALA C 46 -26.26 -10.29 -13.29
C ALA C 46 -26.80 -10.64 -14.67
N SER C 47 -26.94 -11.92 -14.94
CA SER C 47 -27.45 -12.38 -16.23
C SER C 47 -28.91 -11.97 -16.40
N ALA C 48 -29.69 -12.12 -15.34
CA ALA C 48 -31.10 -11.78 -15.38
C ALA C 48 -31.35 -10.28 -15.49
N ALA C 49 -30.39 -9.48 -15.03
CA ALA C 49 -30.51 -8.03 -15.09
C ALA C 49 -29.21 -7.37 -15.55
N PRO C 50 -28.86 -7.54 -16.83
CA PRO C 50 -27.64 -6.97 -17.42
C PRO C 50 -27.57 -5.44 -17.31
N SER C 51 -26.34 -4.93 -17.26
CA SER C 51 -26.11 -3.49 -17.16
C SER C 51 -26.87 -2.85 -16.01
N GLN C 52 -27.15 -3.64 -14.98
CA GLN C 52 -27.86 -3.14 -13.81
C GLN C 52 -27.05 -3.40 -12.54
N ASN C 53 -27.27 -2.58 -11.53
CA ASN C 53 -26.58 -2.76 -10.26
C ASN C 53 -27.00 -4.10 -9.66
N ILE C 54 -26.04 -4.80 -9.08
CA ILE C 54 -26.30 -6.08 -8.43
C ILE C 54 -25.73 -5.94 -7.02
N PHE C 55 -26.50 -6.31 -6.02
CA PHE C 55 -26.01 -6.19 -4.65
C PHE C 55 -26.78 -7.05 -3.67
N PHE C 56 -26.07 -7.96 -3.01
CA PHE C 56 -26.71 -8.83 -2.03
C PHE C 56 -25.72 -9.30 -0.96
N SER C 57 -26.26 -9.95 0.07
CA SER C 57 -25.43 -10.46 1.16
C SER C 57 -25.41 -11.98 1.08
N PRO C 58 -24.27 -12.55 0.67
CA PRO C 58 -24.12 -14.01 0.55
C PRO C 58 -24.38 -14.75 1.86
N VAL C 59 -23.81 -14.26 2.95
CA VAL C 59 -23.99 -14.92 4.23
C VAL C 59 -25.43 -14.81 4.72
N SER C 60 -26.08 -13.69 4.41
CA SER C 60 -27.46 -13.48 4.82
C SER C 60 -28.40 -14.46 4.09
N ILE C 61 -28.11 -14.70 2.81
CA ILE C 61 -28.94 -15.63 2.05
C ILE C 61 -28.67 -17.05 2.50
N SER C 62 -27.42 -17.34 2.85
CA SER C 62 -27.07 -18.67 3.34
C SER C 62 -27.83 -18.93 4.64
N MET C 63 -27.90 -17.90 5.47
N MET C 63 -27.93 -17.92 5.48
CA MET C 63 -28.60 -18.00 6.76
CA MET C 63 -28.65 -18.06 6.74
C MET C 63 -30.09 -18.27 6.54
C MET C 63 -30.12 -18.35 6.46
N SER C 64 -30.66 -17.61 5.53
N SER C 64 -30.69 -17.58 5.53
CA SER C 64 -32.07 -17.78 5.22
CA SER C 64 -32.09 -17.74 5.15
C SER C 64 -32.34 -19.21 4.76
C SER C 64 -32.38 -19.17 4.68
N LEU C 65 -31.47 -19.71 3.88
CA LEU C 65 -31.62 -21.07 3.37
C LEU C 65 -31.48 -22.08 4.49
N ALA C 66 -30.49 -21.89 5.36
CA ALA C 66 -30.27 -22.81 6.48
C ALA C 66 -31.53 -22.84 7.33
N MET C 67 -32.07 -21.67 7.60
CA MET C 67 -33.28 -21.52 8.40
C MET C 67 -34.43 -22.29 7.75
N LEU C 68 -34.58 -22.10 6.44
CA LEU C 68 -35.65 -22.77 5.70
C LEU C 68 -35.51 -24.29 5.80
N SER C 69 -34.28 -24.78 5.73
CA SER C 69 -34.04 -26.22 5.79
C SER C 69 -34.56 -26.84 7.08
N LEU C 70 -34.84 -26.02 8.07
CA LEU C 70 -35.34 -26.52 9.36
C LEU C 70 -36.73 -27.13 9.20
N GLY C 71 -37.50 -26.62 8.24
CA GLY C 71 -38.84 -27.13 8.04
C GLY C 71 -39.00 -27.95 6.77
N ALA C 72 -37.90 -28.25 6.11
CA ALA C 72 -37.95 -29.02 4.87
C ALA C 72 -37.62 -30.49 5.09
N GLY C 73 -37.97 -31.31 4.11
CA GLY C 73 -37.70 -32.74 4.19
C GLY C 73 -37.45 -33.33 2.82
N SER C 74 -37.15 -34.63 2.80
CA SER C 74 -36.89 -35.34 1.55
C SER C 74 -35.90 -34.61 0.65
N SER C 75 -36.17 -34.63 -0.66
CA SER C 75 -35.31 -33.99 -1.65
C SER C 75 -35.36 -32.46 -1.53
N THR C 76 -36.48 -31.94 -1.06
CA THR C 76 -36.63 -30.50 -0.88
C THR C 76 -35.52 -30.00 0.02
N LYS C 77 -35.28 -30.73 1.10
CA LYS C 77 -34.25 -30.37 2.06
C LYS C 77 -32.85 -30.58 1.47
N MET C 78 -32.67 -31.70 0.79
CA MET C 78 -31.38 -32.03 0.17
C MET C 78 -30.88 -30.95 -0.77
N GLN C 79 -31.78 -30.43 -1.62
CA GLN C 79 -31.41 -29.39 -2.57
C GLN C 79 -30.88 -28.16 -1.84
N ILE C 80 -31.52 -27.82 -0.73
CA ILE C 80 -31.13 -26.65 0.06
C ILE C 80 -29.74 -26.86 0.66
N LEU C 81 -29.52 -28.02 1.27
CA LEU C 81 -28.24 -28.33 1.88
C LEU C 81 -27.13 -28.35 0.83
N GLU C 82 -27.39 -29.01 -0.29
CA GLU C 82 -26.41 -29.08 -1.37
C GLU C 82 -26.07 -27.67 -1.83
N GLY C 83 -27.06 -26.80 -1.87
CA GLY C 83 -26.84 -25.43 -2.28
C GLY C 83 -25.91 -24.71 -1.33
N LEU C 84 -26.07 -24.98 -0.04
CA LEU C 84 -25.21 -24.36 0.97
C LEU C 84 -23.89 -25.11 1.05
N GLY C 85 -23.75 -26.13 0.21
CA GLY C 85 -22.54 -26.92 0.19
C GLY C 85 -22.22 -27.47 1.57
N LEU C 86 -23.17 -28.17 2.17
CA LEU C 86 -22.99 -28.75 3.49
C LEU C 86 -22.91 -30.27 3.39
N SER C 91 -20.29 -31.51 7.00
CA SER C 91 -20.00 -31.42 8.41
C SER C 91 -21.16 -31.97 9.25
N SER C 92 -22.13 -31.12 9.54
CA SER C 92 -23.30 -31.52 10.32
C SER C 92 -24.34 -30.40 10.36
N GLU C 93 -25.61 -30.78 10.37
CA GLU C 93 -26.70 -29.82 10.41
C GLU C 93 -26.64 -29.04 11.73
N LYS C 94 -26.55 -29.77 12.83
CA LYS C 94 -26.49 -29.16 14.15
C LYS C 94 -25.37 -28.12 14.19
N GLU C 95 -24.25 -28.43 13.54
CA GLU C 95 -23.12 -27.52 13.50
C GLU C 95 -23.45 -26.31 12.62
N LEU C 96 -24.08 -26.57 11.48
CA LEU C 96 -24.46 -25.53 10.55
C LEU C 96 -25.30 -24.46 11.25
N HIS C 97 -26.38 -24.90 11.89
CA HIS C 97 -27.29 -24.00 12.60
C HIS C 97 -26.61 -23.32 13.78
N ARG C 98 -25.74 -24.06 14.47
CA ARG C 98 -25.04 -23.51 15.62
C ARG C 98 -24.18 -22.33 15.16
N GLY C 99 -23.48 -22.54 14.05
CA GLY C 99 -22.63 -21.49 13.51
C GLY C 99 -23.39 -20.21 13.24
N PHE C 100 -24.49 -20.31 12.51
CA PHE C 100 -25.31 -19.14 12.19
C PHE C 100 -25.92 -18.51 13.42
N GLN C 101 -26.31 -19.35 14.39
CA GLN C 101 -26.89 -18.84 15.62
C GLN C 101 -25.88 -17.91 16.29
N GLN C 102 -24.65 -18.41 16.45
CA GLN C 102 -23.58 -17.63 17.07
C GLN C 102 -23.27 -16.40 16.22
N LEU C 103 -23.04 -16.63 14.93
CA LEU C 103 -22.72 -15.56 13.99
C LEU C 103 -23.78 -14.46 14.06
N LEU C 104 -25.04 -14.86 14.19
CA LEU C 104 -26.15 -13.92 14.27
C LEU C 104 -26.13 -13.17 15.59
N GLN C 105 -25.56 -13.80 16.62
CA GLN C 105 -25.46 -13.19 17.94
C GLN C 105 -24.37 -12.13 17.90
N GLU C 106 -23.26 -12.47 17.28
CA GLU C 106 -22.12 -11.55 17.16
C GLU C 106 -22.51 -10.30 16.38
N LEU C 107 -23.12 -10.49 15.21
CA LEU C 107 -23.54 -9.37 14.38
C LEU C 107 -24.62 -8.56 15.09
N ASN C 108 -25.10 -9.09 16.21
CA ASN C 108 -26.14 -8.41 16.99
C ASN C 108 -25.51 -7.52 18.06
N GLN C 109 -24.23 -7.74 18.35
CA GLN C 109 -23.52 -6.95 19.34
C GLN C 109 -23.26 -5.57 18.74
N PRO C 110 -23.97 -4.54 19.23
CA PRO C 110 -23.82 -3.17 18.75
C PRO C 110 -22.38 -2.62 18.82
N ARG C 111 -21.57 -3.00 17.85
CA ARG C 111 -20.18 -2.54 17.79
C ARG C 111 -20.19 -1.09 17.33
N ASP C 112 -20.10 -0.17 18.28
CA ASP C 112 -20.10 1.27 17.97
C ASP C 112 -19.00 1.69 17.00
N GLY C 113 -19.19 1.32 15.75
CA GLY C 113 -18.26 1.62 14.69
C GLY C 113 -18.90 1.09 13.42
N PHE C 114 -20.02 0.40 13.61
CA PHE C 114 -20.80 -0.18 12.52
C PHE C 114 -22.28 0.12 12.68
N GLN C 115 -23.00 -0.06 11.58
CA GLN C 115 -24.45 0.12 11.56
C GLN C 115 -24.95 -1.10 10.79
N LEU C 116 -25.22 -2.17 11.53
CA LEU C 116 -25.67 -3.42 10.91
C LEU C 116 -27.02 -3.91 11.42
N SER C 117 -27.98 -3.99 10.52
CA SER C 117 -29.33 -4.46 10.86
C SER C 117 -29.63 -5.68 10.00
N LEU C 118 -29.58 -6.87 10.61
CA LEU C 118 -29.85 -8.11 9.91
C LEU C 118 -31.12 -8.74 10.48
N GLY C 119 -32.01 -9.18 9.61
CA GLY C 119 -33.25 -9.78 10.08
C GLY C 119 -33.84 -10.85 9.18
N ASN C 120 -34.66 -11.69 9.77
CA ASN C 120 -35.32 -12.79 9.07
C ASN C 120 -36.71 -12.96 9.65
N ALA C 121 -37.69 -13.23 8.79
CA ALA C 121 -39.06 -13.42 9.25
C ALA C 121 -39.89 -14.17 8.22
N LEU C 122 -40.83 -14.97 8.71
CA LEU C 122 -41.71 -15.72 7.83
C LEU C 122 -43.13 -15.26 8.05
N PHE C 123 -43.83 -15.00 6.95
CA PHE C 123 -45.23 -14.59 7.02
C PHE C 123 -46.02 -15.72 6.41
N THR C 124 -46.89 -16.31 7.21
CA THR C 124 -47.69 -17.45 6.76
C THR C 124 -49.18 -17.16 6.72
N ASP C 125 -49.85 -17.62 5.66
CA ASP C 125 -51.28 -17.40 5.52
C ASP C 125 -52.00 -17.88 6.78
N LEU C 126 -53.05 -17.17 7.17
CA LEU C 126 -53.82 -17.49 8.36
C LEU C 126 -54.25 -18.95 8.46
N VAL C 127 -54.62 -19.54 7.34
CA VAL C 127 -55.08 -20.93 7.32
C VAL C 127 -53.99 -21.99 7.51
N VAL C 128 -52.72 -21.60 7.40
CA VAL C 128 -51.63 -22.56 7.55
C VAL C 128 -51.29 -22.87 9.01
N ASP C 129 -51.42 -24.13 9.37
CA ASP C 129 -51.13 -24.58 10.72
C ASP C 129 -49.62 -24.79 10.89
N LEU C 130 -49.02 -24.05 11.81
CA LEU C 130 -47.58 -24.12 12.03
C LEU C 130 -47.14 -25.14 13.08
N GLN C 131 -46.02 -25.80 12.80
CA GLN C 131 -45.46 -26.79 13.72
C GLN C 131 -44.63 -26.11 14.80
N ASP C 132 -44.90 -26.45 16.05
CA ASP C 132 -44.20 -25.88 17.20
C ASP C 132 -42.68 -26.01 17.08
N THR C 133 -42.21 -27.19 16.70
N THR C 133 -42.21 -27.19 16.69
CA THR C 133 -40.79 -27.46 16.55
CA THR C 133 -40.78 -27.43 16.55
C THR C 133 -40.12 -26.49 15.58
C THR C 133 -40.13 -26.45 15.60
N PHE C 134 -40.80 -26.17 14.48
CA PHE C 134 -40.25 -25.26 13.50
C PHE C 134 -40.24 -23.82 14.00
N VAL C 135 -41.36 -23.36 14.54
CA VAL C 135 -41.45 -22.00 15.05
C VAL C 135 -40.40 -21.79 16.15
N SER C 136 -40.23 -22.80 17.00
CA SER C 136 -39.26 -22.73 18.08
C SER C 136 -37.83 -22.62 17.57
N ALA C 137 -37.48 -23.51 16.65
CA ALA C 137 -36.13 -23.53 16.07
C ALA C 137 -35.81 -22.19 15.43
N MET C 138 -36.80 -21.62 14.75
N MET C 138 -36.78 -21.60 14.73
CA MET C 138 -36.67 -20.33 14.08
CA MET C 138 -36.58 -20.31 14.07
C MET C 138 -36.30 -19.21 15.05
C MET C 138 -36.27 -19.19 15.07
N LYS C 139 -37.04 -19.14 16.15
CA LYS C 139 -36.84 -18.12 17.16
C LYS C 139 -35.56 -18.35 17.95
N THR C 140 -35.30 -19.61 18.29
CA THR C 140 -34.13 -19.98 19.07
C THR C 140 -32.79 -19.93 18.31
N LEU C 141 -32.75 -20.58 17.16
CA LEU C 141 -31.53 -20.63 16.35
C LEU C 141 -31.27 -19.41 15.47
N TYR C 142 -32.32 -18.87 14.87
CA TYR C 142 -32.16 -17.72 13.98
C TYR C 142 -32.82 -16.43 14.43
N LEU C 143 -33.29 -16.39 15.67
CA LEU C 143 -33.92 -15.19 16.20
C LEU C 143 -34.95 -14.63 15.22
N ALA C 144 -35.65 -15.53 14.52
CA ALA C 144 -36.64 -15.14 13.54
C ALA C 144 -38.05 -15.51 13.97
N ASP C 145 -38.98 -14.58 13.83
CA ASP C 145 -40.37 -14.82 14.21
C ASP C 145 -41.22 -15.19 13.00
N THR C 146 -42.35 -15.86 13.27
CA THR C 146 -43.28 -16.27 12.23
C THR C 146 -44.58 -15.52 12.49
N PHE C 147 -45.13 -14.90 11.45
CA PHE C 147 -46.35 -14.13 11.61
C PHE C 147 -47.53 -14.54 10.73
N PRO C 148 -48.64 -14.97 11.35
CA PRO C 148 -49.80 -15.38 10.56
C PRO C 148 -50.27 -14.13 9.80
N THR C 149 -50.57 -14.29 8.52
CA THR C 149 -50.98 -13.15 7.71
C THR C 149 -52.13 -13.49 6.77
N ASN C 150 -53.01 -12.52 6.55
CA ASN C 150 -54.14 -12.73 5.64
C ASN C 150 -53.73 -12.33 4.23
N PHE C 151 -53.13 -13.28 3.51
CA PHE C 151 -52.68 -13.02 2.16
C PHE C 151 -53.80 -12.83 1.13
N ARG C 152 -55.03 -13.10 1.52
CA ARG C 152 -56.16 -12.91 0.61
C ARG C 152 -56.49 -11.42 0.56
N ASP C 153 -55.70 -10.64 1.28
CA ASP C 153 -55.82 -9.19 1.33
C ASP C 153 -54.41 -8.65 1.07
N SER C 154 -53.97 -8.76 -0.18
CA SER C 154 -52.65 -8.32 -0.60
C SER C 154 -52.21 -6.99 0.01
N ALA C 155 -52.81 -5.91 -0.44
CA ALA C 155 -52.49 -4.57 0.05
C ALA C 155 -52.25 -4.56 1.55
N GLY C 156 -53.17 -5.16 2.30
CA GLY C 156 -53.04 -5.20 3.75
C GLY C 156 -51.83 -5.98 4.22
N ALA C 157 -51.60 -7.16 3.64
CA ALA C 157 -50.48 -7.99 4.01
C ALA C 157 -49.17 -7.32 3.63
N MET C 158 -49.15 -6.68 2.47
CA MET C 158 -47.95 -6.02 2.00
C MET C 158 -47.55 -4.90 2.95
N LYS C 159 -48.52 -4.13 3.43
CA LYS C 159 -48.24 -3.05 4.36
C LYS C 159 -47.78 -3.62 5.70
N GLN C 160 -48.37 -4.74 6.08
CA GLN C 160 -48.03 -5.39 7.34
C GLN C 160 -46.55 -5.80 7.31
N ILE C 161 -46.14 -6.38 6.19
CA ILE C 161 -44.77 -6.84 6.01
C ILE C 161 -43.79 -5.66 5.92
N ASN C 162 -44.07 -4.72 5.04
CA ASN C 162 -43.20 -3.56 4.87
C ASN C 162 -43.06 -2.79 6.18
N ASP C 163 -44.17 -2.60 6.88
CA ASP C 163 -44.15 -1.87 8.14
C ASP C 163 -43.25 -2.58 9.15
N TYR C 164 -43.34 -3.91 9.19
CA TYR C 164 -42.52 -4.69 10.11
C TYR C 164 -41.04 -4.54 9.79
N VAL C 165 -40.69 -4.67 8.52
CA VAL C 165 -39.30 -4.56 8.08
C VAL C 165 -38.76 -3.17 8.38
N ALA C 166 -39.53 -2.14 8.04
CA ALA C 166 -39.12 -0.77 8.30
C ALA C 166 -38.80 -0.59 9.78
N LYS C 167 -39.68 -1.13 10.63
CA LYS C 167 -39.50 -1.04 12.07
C LYS C 167 -38.21 -1.73 12.50
N GLN C 168 -38.00 -2.95 12.02
CA GLN C 168 -36.83 -3.74 12.36
C GLN C 168 -35.52 -3.15 11.85
N THR C 169 -35.58 -2.43 10.73
CA THR C 169 -34.38 -1.83 10.16
C THR C 169 -34.24 -0.36 10.53
N LYS C 170 -35.01 0.06 11.53
CA LYS C 170 -34.98 1.44 12.00
C LYS C 170 -35.29 2.43 10.88
N GLY C 171 -35.96 1.96 9.83
CA GLY C 171 -36.30 2.83 8.72
C GLY C 171 -35.33 2.77 7.57
N LYS C 172 -34.27 1.99 7.71
CA LYS C 172 -33.26 1.86 6.68
C LYS C 172 -33.78 1.04 5.49
N ILE C 173 -34.53 -0.01 5.77
CA ILE C 173 -35.07 -0.86 4.72
C ILE C 173 -36.59 -0.72 4.65
N VAL C 174 -37.06 0.17 3.79
CA VAL C 174 -38.48 0.40 3.63
C VAL C 174 -39.00 -0.08 2.28
N ASP C 175 -40.30 -0.31 2.20
CA ASP C 175 -40.94 -0.77 0.98
C ASP C 175 -40.28 -2.03 0.44
N LEU C 176 -40.08 -3.01 1.31
CA LEU C 176 -39.45 -4.27 0.93
C LEU C 176 -40.22 -4.88 -0.24
N LEU C 177 -41.53 -4.98 -0.09
CA LEU C 177 -42.38 -5.54 -1.13
C LEU C 177 -43.03 -4.43 -1.95
N LYS C 178 -43.05 -4.60 -3.26
CA LYS C 178 -43.65 -3.61 -4.15
C LYS C 178 -44.88 -4.16 -4.87
N ASN C 179 -44.96 -5.49 -4.96
CA ASN C 179 -46.08 -6.16 -5.61
C ASN C 179 -46.26 -7.55 -5.00
N LEU C 180 -47.26 -7.68 -4.13
CA LEU C 180 -47.53 -8.97 -3.49
C LEU C 180 -48.56 -9.77 -4.26
N ASP C 181 -48.12 -10.85 -4.88
CA ASP C 181 -49.01 -11.71 -5.65
C ASP C 181 -50.05 -12.31 -4.72
N SER C 182 -51.32 -12.24 -5.13
CA SER C 182 -52.42 -12.77 -4.32
C SER C 182 -52.30 -14.26 -4.06
N ASN C 183 -53.04 -14.73 -3.06
CA ASN C 183 -53.07 -16.15 -2.69
C ASN C 183 -51.74 -16.72 -2.23
N ALA C 184 -50.88 -15.89 -1.66
CA ALA C 184 -49.59 -16.37 -1.18
C ALA C 184 -49.82 -17.32 0.00
N VAL C 185 -48.89 -18.25 0.18
CA VAL C 185 -48.99 -19.22 1.27
C VAL C 185 -47.97 -18.87 2.34
N VAL C 186 -46.71 -18.76 1.92
CA VAL C 186 -45.64 -18.42 2.83
C VAL C 186 -44.68 -17.44 2.14
N ILE C 187 -44.36 -16.37 2.85
CA ILE C 187 -43.43 -15.37 2.32
C ILE C 187 -42.29 -15.23 3.31
N MET C 188 -41.09 -15.55 2.86
CA MET C 188 -39.92 -15.44 3.72
C MET C 188 -39.18 -14.17 3.33
N VAL C 189 -38.81 -13.37 4.32
CA VAL C 189 -38.08 -12.14 4.05
C VAL C 189 -36.76 -12.12 4.79
N ASN C 190 -35.73 -11.65 4.10
CA ASN C 190 -34.39 -11.56 4.67
C ASN C 190 -33.89 -10.18 4.27
N TYR C 191 -33.53 -9.39 5.27
CA TYR C 191 -33.05 -8.03 5.01
C TYR C 191 -31.82 -7.70 5.82
N ILE C 192 -30.97 -6.84 5.28
CA ILE C 192 -29.76 -6.45 5.97
C ILE C 192 -29.26 -5.10 5.52
N PHE C 193 -29.01 -4.22 6.49
CA PHE C 193 -28.49 -2.89 6.21
C PHE C 193 -27.10 -2.81 6.83
N PHE C 194 -26.20 -2.09 6.18
CA PHE C 194 -24.84 -1.97 6.68
C PHE C 194 -24.20 -0.64 6.32
N LYS C 195 -23.47 -0.08 7.27
CA LYS C 195 -22.78 1.18 7.10
C LYS C 195 -21.80 1.31 8.25
N ALA C 196 -20.51 1.19 7.95
CA ALA C 196 -19.48 1.27 8.97
C ALA C 196 -18.46 2.36 8.65
N LYS C 197 -17.75 2.80 9.69
CA LYS C 197 -16.74 3.83 9.53
C LYS C 197 -15.46 3.20 8.97
N TRP C 198 -14.81 3.88 8.05
CA TRP C 198 -13.57 3.39 7.48
C TRP C 198 -12.52 3.47 8.59
N GLU C 199 -11.47 2.66 8.46
CA GLU C 199 -10.40 2.69 9.45
C GLU C 199 -9.81 4.09 9.37
N THR C 200 -9.60 4.54 8.14
CA THR C 200 -9.05 5.86 7.87
C THR C 200 -10.07 6.66 7.04
N SER C 201 -10.42 7.83 7.54
CA SER C 201 -11.40 8.70 6.90
C SER C 201 -10.99 9.32 5.56
N PHE C 202 -12.01 9.75 4.81
CA PHE C 202 -11.84 10.41 3.53
C PHE C 202 -12.17 11.87 3.82
N ASN C 203 -11.26 12.78 3.50
CA ASN C 203 -11.51 14.19 3.76
C ASN C 203 -12.75 14.63 2.97
N HIS C 204 -13.83 14.96 3.69
CA HIS C 204 -15.05 15.38 3.01
C HIS C 204 -14.82 16.64 2.19
N LYS C 205 -13.64 17.23 2.35
CA LYS C 205 -13.26 18.43 1.61
C LYS C 205 -12.55 18.01 0.34
N GLY C 206 -12.29 16.71 0.22
CA GLY C 206 -11.62 16.18 -0.95
C GLY C 206 -12.63 15.54 -1.87
N THR C 207 -13.84 15.32 -1.36
CA THR C 207 -14.91 14.71 -2.13
C THR C 207 -15.44 15.75 -3.12
N GLN C 208 -15.41 15.40 -4.40
CA GLN C 208 -15.88 16.30 -5.45
C GLN C 208 -16.59 15.51 -6.54
N GLU C 209 -17.69 16.07 -7.05
CA GLU C 209 -18.46 15.40 -8.09
C GLU C 209 -17.66 15.24 -9.38
N GLN C 210 -17.61 14.01 -9.88
CA GLN C 210 -16.87 13.68 -11.09
C GLN C 210 -17.72 12.94 -12.12
N ASP C 211 -17.12 12.67 -13.27
CA ASP C 211 -17.78 11.96 -14.35
C ASP C 211 -17.68 10.44 -14.12
N PHE C 212 -18.78 9.73 -14.33
CA PHE C 212 -18.79 8.29 -14.18
C PHE C 212 -19.31 7.70 -15.48
N TYR C 213 -18.52 6.82 -16.09
CA TYR C 213 -18.89 6.21 -17.35
C TYR C 213 -19.63 4.87 -17.20
N VAL C 214 -20.94 4.92 -17.06
CA VAL C 214 -21.74 3.71 -16.94
C VAL C 214 -21.40 2.84 -18.14
N THR C 215 -21.15 3.51 -19.26
CA THR C 215 -20.77 2.87 -20.51
C THR C 215 -19.85 3.85 -21.23
N SER C 216 -19.27 3.41 -22.34
CA SER C 216 -18.38 4.30 -23.10
C SER C 216 -19.16 5.48 -23.66
N GLU C 217 -20.48 5.35 -23.73
CA GLU C 217 -21.32 6.41 -24.26
C GLU C 217 -22.17 7.14 -23.22
N THR C 218 -22.53 6.44 -22.14
CA THR C 218 -23.34 7.03 -21.09
C THR C 218 -22.51 7.53 -19.92
N VAL C 219 -22.60 8.83 -19.64
CA VAL C 219 -21.84 9.44 -18.55
C VAL C 219 -22.77 10.04 -17.50
N VAL C 220 -22.39 9.93 -16.23
CA VAL C 220 -23.18 10.47 -15.14
C VAL C 220 -22.29 11.17 -14.12
N ARG C 221 -22.84 12.17 -13.44
CA ARG C 221 -22.09 12.92 -12.43
C ARG C 221 -22.30 12.26 -11.07
N VAL C 222 -21.21 11.92 -10.40
CA VAL C 222 -21.30 11.27 -9.09
C VAL C 222 -20.26 11.84 -8.12
N PRO C 223 -20.62 11.95 -6.84
CA PRO C 223 -19.67 12.47 -5.86
C PRO C 223 -18.50 11.50 -5.70
N MET C 224 -17.32 11.93 -6.16
N MET C 224 -17.32 11.93 -6.16
CA MET C 224 -16.14 11.09 -6.09
CA MET C 224 -16.13 11.10 -6.09
C MET C 224 -15.24 11.45 -4.91
C MET C 224 -15.25 11.46 -4.90
N MET C 225 -15.13 10.53 -3.96
CA MET C 225 -14.29 10.74 -2.78
C MET C 225 -12.88 10.48 -3.28
N SER C 226 -11.88 10.93 -2.53
CA SER C 226 -10.50 10.69 -2.92
C SER C 226 -9.54 10.84 -1.76
N ARG C 227 -8.39 10.21 -1.89
CA ARG C 227 -7.37 10.27 -0.86
C ARG C 227 -6.12 9.54 -1.33
N GLU C 228 -5.03 10.28 -1.42
CA GLU C 228 -3.77 9.67 -1.82
C GLU C 228 -3.21 9.06 -0.55
N ASP C 229 -2.89 7.77 -0.62
CA ASP C 229 -2.35 7.06 0.53
C ASP C 229 -1.96 5.66 0.09
N GLN C 230 -1.49 4.86 1.03
CA GLN C 230 -1.11 3.49 0.70
C GLN C 230 -2.30 2.58 0.93
N TYR C 231 -2.54 1.68 -0.02
CA TYR C 231 -3.65 0.74 0.06
C TYR C 231 -3.20 -0.66 -0.34
N HIS C 232 -3.88 -1.67 0.20
CA HIS C 232 -3.58 -3.03 -0.18
C HIS C 232 -4.02 -3.04 -1.64
N TYR C 233 -3.09 -3.35 -2.54
CA TYR C 233 -3.39 -3.32 -3.96
C TYR C 233 -2.88 -4.55 -4.68
N LEU C 234 -3.53 -4.90 -5.79
N LEU C 234 -3.53 -4.89 -5.79
CA LEU C 234 -3.14 -6.07 -6.57
CA LEU C 234 -3.13 -6.04 -6.58
C LEU C 234 -3.62 -5.96 -8.02
C LEU C 234 -3.61 -5.89 -8.03
N LEU C 235 -2.74 -6.30 -8.95
CA LEU C 235 -3.07 -6.24 -10.37
C LEU C 235 -3.20 -7.67 -10.88
N ASP C 236 -4.44 -8.15 -10.96
CA ASP C 236 -4.69 -9.51 -11.42
C ASP C 236 -4.61 -9.53 -12.95
N ARG C 237 -3.47 -9.99 -13.47
CA ARG C 237 -3.26 -10.08 -14.91
C ARG C 237 -4.10 -11.18 -15.53
N ASN C 238 -4.38 -12.21 -14.75
CA ASN C 238 -5.18 -13.34 -15.23
C ASN C 238 -6.58 -12.90 -15.62
N LEU C 239 -7.29 -12.27 -14.68
CA LEU C 239 -8.65 -11.80 -14.94
C LEU C 239 -8.64 -10.39 -15.55
N SER C 240 -7.48 -9.74 -15.49
CA SER C 240 -7.32 -8.39 -16.02
C SER C 240 -8.14 -7.36 -15.25
N CYS C 241 -7.82 -7.19 -13.97
CA CYS C 241 -8.53 -6.23 -13.13
C CYS C 241 -7.64 -5.76 -11.99
N ARG C 242 -7.93 -4.56 -11.49
CA ARG C 242 -7.17 -3.99 -10.38
C ARG C 242 -8.02 -4.11 -9.13
N VAL C 243 -7.42 -4.61 -8.05
CA VAL C 243 -8.13 -4.81 -6.80
C VAL C 243 -7.53 -3.98 -5.67
N VAL C 244 -8.37 -3.20 -5.00
CA VAL C 244 -7.91 -2.39 -3.88
C VAL C 244 -8.70 -2.73 -2.62
N GLY C 245 -7.99 -2.82 -1.50
CA GLY C 245 -8.66 -3.11 -0.25
C GLY C 245 -8.74 -1.87 0.63
N VAL C 246 -9.93 -1.57 1.12
CA VAL C 246 -10.14 -0.42 1.98
C VAL C 246 -10.76 -0.98 3.26
N PRO C 247 -9.97 -1.10 4.33
CA PRO C 247 -10.42 -1.63 5.63
C PRO C 247 -11.39 -0.78 6.42
N TYR C 248 -12.31 -1.45 7.12
CA TYR C 248 -13.28 -0.80 7.98
C TYR C 248 -12.70 -0.88 9.38
N GLN C 249 -13.28 -0.12 10.32
CA GLN C 249 -12.80 -0.15 11.70
C GLN C 249 -12.99 -1.55 12.26
N GLY C 250 -11.92 -2.35 12.26
CA GLY C 250 -12.02 -3.70 12.77
C GLY C 250 -11.33 -4.73 11.90
N ASN C 251 -12.01 -5.84 11.65
CA ASN C 251 -11.46 -6.90 10.82
C ASN C 251 -12.18 -6.97 9.49
N ALA C 252 -13.18 -6.11 9.32
CA ALA C 252 -13.97 -6.06 8.09
C ALA C 252 -13.26 -5.15 7.09
N THR C 253 -13.29 -5.55 5.82
CA THR C 253 -12.66 -4.75 4.79
C THR C 253 -13.48 -4.77 3.51
N ALA C 254 -13.41 -3.68 2.76
CA ALA C 254 -14.13 -3.58 1.51
C ALA C 254 -13.12 -3.78 0.39
N LEU C 255 -13.52 -4.54 -0.63
CA LEU C 255 -12.66 -4.78 -1.76
C LEU C 255 -13.35 -4.18 -2.98
N PHE C 256 -12.62 -3.36 -3.73
CA PHE C 256 -13.18 -2.75 -4.93
C PHE C 256 -12.36 -3.24 -6.11
N ILE C 257 -13.04 -3.83 -7.09
CA ILE C 257 -12.40 -4.39 -8.26
C ILE C 257 -12.77 -3.63 -9.53
N LEU C 258 -11.77 -3.08 -10.19
CA LEU C 258 -11.99 -2.34 -11.42
C LEU C 258 -11.47 -3.13 -12.61
N PRO C 259 -12.37 -3.79 -13.36
CA PRO C 259 -11.91 -4.56 -14.51
C PRO C 259 -11.28 -3.63 -15.54
N SER C 260 -10.42 -4.18 -16.39
CA SER C 260 -9.82 -3.36 -17.45
C SER C 260 -10.92 -3.19 -18.50
N GLU C 261 -10.76 -2.22 -19.38
CA GLU C 261 -11.76 -1.95 -20.42
C GLU C 261 -12.32 -3.22 -21.07
N GLY C 262 -13.64 -3.32 -21.07
CA GLY C 262 -14.33 -4.46 -21.66
C GLY C 262 -14.08 -5.82 -21.06
N LYS C 263 -13.61 -5.87 -19.82
CA LYS C 263 -13.34 -7.15 -19.18
C LYS C 263 -14.22 -7.46 -17.98
N MET C 264 -15.28 -6.69 -17.78
CA MET C 264 -16.19 -6.93 -16.66
C MET C 264 -16.73 -8.35 -16.71
N GLN C 265 -17.25 -8.75 -17.87
CA GLN C 265 -17.81 -10.08 -18.03
C GLN C 265 -16.75 -11.14 -17.73
N GLN C 266 -15.52 -10.88 -18.15
CA GLN C 266 -14.43 -11.82 -17.92
C GLN C 266 -14.13 -11.96 -16.43
N VAL C 267 -14.19 -10.86 -15.69
CA VAL C 267 -13.93 -10.88 -14.26
C VAL C 267 -15.07 -11.58 -13.51
N GLU C 268 -16.29 -11.30 -13.92
CA GLU C 268 -17.46 -11.91 -13.29
C GLU C 268 -17.38 -13.43 -13.39
N ASN C 269 -17.05 -13.92 -14.57
CA ASN C 269 -16.94 -15.36 -14.79
C ASN C 269 -15.83 -15.96 -13.95
N GLY C 270 -14.82 -15.15 -13.63
CA GLY C 270 -13.70 -15.63 -12.85
C GLY C 270 -13.93 -15.56 -11.35
N LEU C 271 -15.02 -14.90 -10.94
CA LEU C 271 -15.34 -14.78 -9.51
C LEU C 271 -15.54 -16.15 -8.88
N SER C 272 -14.81 -16.40 -7.79
CA SER C 272 -14.89 -17.68 -7.09
C SER C 272 -14.21 -17.55 -5.74
N GLU C 273 -14.40 -18.55 -4.88
CA GLU C 273 -13.79 -18.55 -3.55
C GLU C 273 -12.27 -18.57 -3.72
N LYS C 274 -11.81 -19.32 -4.72
CA LYS C 274 -10.39 -19.43 -5.01
C LYS C 274 -9.81 -18.07 -5.38
N THR C 275 -10.50 -17.36 -6.27
CA THR C 275 -10.05 -16.05 -6.71
C THR C 275 -10.00 -15.06 -5.55
N LEU C 276 -11.03 -15.10 -4.69
CA LEU C 276 -11.09 -14.21 -3.55
C LEU C 276 -9.91 -14.47 -2.63
N ARG C 277 -9.69 -15.74 -2.29
CA ARG C 277 -8.58 -16.12 -1.43
C ARG C 277 -7.26 -15.61 -2.01
N LYS C 278 -7.12 -15.75 -3.32
CA LYS C 278 -5.92 -15.29 -4.02
C LYS C 278 -5.67 -13.81 -3.80
N TRP C 279 -6.67 -12.99 -4.13
CA TRP C 279 -6.56 -11.54 -3.99
C TRP C 279 -6.06 -11.16 -2.59
N LEU C 280 -6.70 -11.69 -1.58
CA LEU C 280 -6.34 -11.40 -0.19
C LEU C 280 -4.90 -11.77 0.14
N LYS C 281 -4.40 -12.80 -0.54
CA LYS C 281 -3.04 -13.27 -0.31
C LYS C 281 -1.96 -12.51 -1.08
N MET C 282 -2.31 -12.02 -2.27
CA MET C 282 -1.33 -11.31 -3.09
C MET C 282 -1.32 -9.79 -2.90
N PHE C 283 -2.10 -9.30 -1.96
CA PHE C 283 -2.18 -7.88 -1.68
C PHE C 283 -0.85 -7.30 -1.21
N LYS C 284 -0.50 -6.14 -1.75
CA LYS C 284 0.73 -5.43 -1.38
C LYS C 284 0.39 -3.97 -1.17
N LYS C 285 0.97 -3.34 -0.16
CA LYS C 285 0.72 -1.94 0.10
C LYS C 285 1.31 -1.12 -1.04
N ARG C 286 0.50 -0.26 -1.63
N ARG C 286 0.49 -0.25 -1.63
CA ARG C 286 0.94 0.59 -2.74
CA ARG C 286 0.92 0.58 -2.73
C ARG C 286 0.39 2.00 -2.64
C ARG C 286 0.39 2.01 -2.62
N GLN C 287 1.23 2.97 -2.98
CA GLN C 287 0.85 4.38 -2.94
C GLN C 287 -0.12 4.64 -4.08
N LEU C 288 -1.35 5.01 -3.74
CA LEU C 288 -2.36 5.27 -4.76
C LEU C 288 -3.10 6.58 -4.56
N GLU C 289 -3.46 7.19 -5.68
CA GLU C 289 -4.26 8.41 -5.66
C GLU C 289 -5.64 7.83 -5.94
N LEU C 290 -6.27 7.33 -4.89
CA LEU C 290 -7.57 6.68 -5.00
C LEU C 290 -8.79 7.59 -5.13
N TYR C 291 -9.60 7.29 -6.15
CA TYR C 291 -10.84 8.02 -6.40
C TYR C 291 -11.97 6.99 -6.33
N LEU C 292 -12.78 7.11 -5.28
CA LEU C 292 -13.88 6.18 -5.07
C LEU C 292 -15.20 6.92 -4.89
N PRO C 293 -16.23 6.52 -5.63
CA PRO C 293 -17.55 7.16 -5.53
C PRO C 293 -18.20 7.05 -4.16
N LYS C 294 -18.93 8.09 -3.77
CA LYS C 294 -19.65 8.11 -2.51
C LYS C 294 -21.03 7.66 -2.96
N PHE C 295 -21.61 6.65 -2.32
CA PHE C 295 -22.91 6.17 -2.78
C PHE C 295 -23.64 5.24 -1.83
N SER C 296 -24.89 4.98 -2.17
CA SER C 296 -25.75 4.08 -1.42
C SER C 296 -26.19 3.07 -2.48
N ILE C 297 -26.01 1.79 -2.19
CA ILE C 297 -26.40 0.75 -3.14
C ILE C 297 -27.31 -0.26 -2.49
N GLU C 298 -28.36 -0.66 -3.21
CA GLU C 298 -29.29 -1.64 -2.68
C GLU C 298 -29.67 -2.65 -3.73
N GLY C 299 -30.11 -3.82 -3.27
CA GLY C 299 -30.52 -4.87 -4.18
C GLY C 299 -31.70 -5.59 -3.54
N SER C 300 -32.74 -5.82 -4.32
CA SER C 300 -33.94 -6.52 -3.85
C SER C 300 -34.20 -7.67 -4.80
N TYR C 301 -34.30 -8.89 -4.27
CA TYR C 301 -34.51 -10.04 -5.15
C TYR C 301 -35.57 -11.03 -4.71
N GLN C 302 -36.26 -11.58 -5.71
CA GLN C 302 -37.27 -12.61 -5.51
C GLN C 302 -36.48 -13.88 -5.82
N LEU C 303 -35.85 -14.43 -4.79
CA LEU C 303 -35.01 -15.62 -4.95
C LEU C 303 -35.74 -16.85 -5.49
N GLU C 304 -37.06 -16.88 -5.39
CA GLU C 304 -37.79 -18.05 -5.89
C GLU C 304 -37.69 -18.09 -7.42
N LYS C 305 -37.36 -16.94 -8.01
CA LYS C 305 -37.23 -16.83 -9.45
C LYS C 305 -35.83 -17.16 -9.98
N VAL C 306 -34.85 -17.26 -9.10
CA VAL C 306 -33.49 -17.55 -9.54
C VAL C 306 -32.89 -18.82 -8.95
N LEU C 307 -33.17 -19.09 -7.67
CA LEU C 307 -32.62 -20.27 -7.01
C LEU C 307 -32.94 -21.60 -7.69
N PRO C 308 -34.14 -21.72 -8.30
CA PRO C 308 -34.46 -23.00 -8.96
C PRO C 308 -33.42 -23.39 -10.01
N SER C 309 -32.96 -22.41 -10.79
CA SER C 309 -31.97 -22.67 -11.83
C SER C 309 -30.62 -23.06 -11.23
N LEU C 310 -30.46 -22.86 -9.93
CA LEU C 310 -29.22 -23.20 -9.25
C LEU C 310 -29.31 -24.53 -8.51
N GLY C 311 -30.45 -25.20 -8.62
CA GLY C 311 -30.62 -26.48 -7.96
C GLY C 311 -31.65 -26.52 -6.84
N ILE C 312 -31.98 -25.36 -6.30
CA ILE C 312 -32.97 -25.28 -5.22
C ILE C 312 -34.31 -24.89 -5.82
N SER C 313 -35.11 -25.90 -6.19
CA SER C 313 -36.40 -25.66 -6.81
C SER C 313 -37.63 -26.19 -6.08
N ASN C 314 -37.56 -27.42 -5.59
CA ASN C 314 -38.68 -28.05 -4.89
C ASN C 314 -39.42 -27.17 -3.89
N VAL C 315 -38.68 -26.54 -2.98
CA VAL C 315 -39.28 -25.70 -1.96
C VAL C 315 -40.17 -24.58 -2.50
N PHE C 316 -40.02 -24.26 -3.78
CA PHE C 316 -40.82 -23.20 -4.38
C PHE C 316 -41.95 -23.75 -5.25
N THR C 317 -42.21 -25.05 -5.15
CA THR C 317 -43.26 -25.68 -5.94
C THR C 317 -44.33 -26.35 -5.08
N SER C 318 -45.39 -26.82 -5.71
CA SER C 318 -46.48 -27.48 -5.02
C SER C 318 -46.07 -28.86 -4.50
N HIS C 319 -44.95 -29.39 -4.97
CA HIS C 319 -44.49 -30.68 -4.50
C HIS C 319 -43.36 -30.49 -3.50
N ALA C 320 -43.36 -29.33 -2.85
CA ALA C 320 -42.35 -29.01 -1.85
C ALA C 320 -42.61 -29.81 -0.59
N ASP C 321 -41.56 -30.35 0.00
CA ASP C 321 -41.72 -31.10 1.23
C ASP C 321 -41.33 -30.20 2.38
N LEU C 322 -42.32 -29.51 2.93
CA LEU C 322 -42.11 -28.61 4.06
C LEU C 322 -42.90 -29.14 5.25
N SER C 323 -42.88 -30.46 5.39
CA SER C 323 -43.59 -31.14 6.46
C SER C 323 -43.10 -30.66 7.83
N GLY C 324 -41.88 -30.11 7.85
CA GLY C 324 -41.33 -29.60 9.10
C GLY C 324 -41.99 -28.31 9.51
N ILE C 325 -42.48 -27.55 8.54
CA ILE C 325 -43.14 -26.29 8.82
C ILE C 325 -44.61 -26.44 9.15
N SER C 326 -45.31 -27.30 8.41
CA SER C 326 -46.74 -27.51 8.62
C SER C 326 -47.19 -28.89 8.16
N ASN C 327 -48.28 -29.37 8.74
CA ASN C 327 -48.79 -30.67 8.35
C ASN C 327 -49.81 -30.52 7.21
N HIS C 328 -49.99 -29.29 6.74
CA HIS C 328 -50.90 -29.04 5.62
C HIS C 328 -50.16 -29.35 4.32
N SER C 329 -50.87 -29.90 3.34
CA SER C 329 -50.26 -30.30 2.07
C SER C 329 -49.89 -29.22 1.05
N ASN C 330 -50.66 -28.14 0.99
CA ASN C 330 -50.34 -27.10 0.01
C ASN C 330 -49.45 -26.00 0.55
N ILE C 331 -48.36 -26.41 1.19
CA ILE C 331 -47.40 -25.48 1.76
C ILE C 331 -46.17 -25.38 0.86
N GLN C 332 -45.77 -24.15 0.54
CA GLN C 332 -44.61 -23.92 -0.31
C GLN C 332 -44.16 -22.49 -0.07
N VAL C 333 -42.92 -22.18 -0.44
CA VAL C 333 -42.44 -20.82 -0.27
C VAL C 333 -42.90 -20.06 -1.51
N SER C 334 -43.88 -19.18 -1.34
CA SER C 334 -44.44 -18.40 -2.42
C SER C 334 -43.41 -17.40 -2.92
N GLU C 335 -42.76 -16.73 -1.98
CA GLU C 335 -41.75 -15.75 -2.30
C GLU C 335 -40.68 -15.77 -1.22
N MET C 336 -39.44 -15.56 -1.63
CA MET C 336 -38.31 -15.51 -0.71
C MET C 336 -37.62 -14.22 -1.12
N VAL C 337 -37.90 -13.15 -0.40
CA VAL C 337 -37.34 -11.85 -0.71
C VAL C 337 -36.11 -11.51 0.11
N HIS C 338 -35.08 -11.03 -0.58
CA HIS C 338 -33.83 -10.63 0.04
C HIS C 338 -33.55 -9.20 -0.38
N LYS C 339 -33.28 -8.34 0.59
CA LYS C 339 -32.95 -6.96 0.30
C LYS C 339 -31.72 -6.55 1.08
N ALA C 340 -30.71 -6.07 0.36
CA ALA C 340 -29.46 -5.63 0.97
C ALA C 340 -29.22 -4.17 0.61
N VAL C 341 -28.84 -3.38 1.61
CA VAL C 341 -28.58 -1.96 1.42
C VAL C 341 -27.30 -1.58 2.15
N VAL C 342 -26.37 -0.95 1.44
CA VAL C 342 -25.11 -0.51 2.03
C VAL C 342 -24.84 0.92 1.61
N GLU C 343 -24.33 1.72 2.54
CA GLU C 343 -24.00 3.10 2.23
C GLU C 343 -22.50 3.31 2.36
N VAL C 344 -21.91 3.95 1.36
CA VAL C 344 -20.48 4.24 1.36
C VAL C 344 -20.30 5.75 1.46
N ASP C 345 -19.67 6.20 2.54
N ASP C 345 -19.67 6.21 2.53
CA ASP C 345 -19.45 7.62 2.76
CA ASP C 345 -19.43 7.63 2.74
C ASP C 345 -17.98 7.86 3.14
C ASP C 345 -17.97 7.87 3.11
N GLU C 346 -17.66 9.09 3.55
CA GLU C 346 -16.29 9.43 3.93
C GLU C 346 -15.93 9.11 5.37
N SER C 347 -16.92 9.11 6.25
CA SER C 347 -16.69 8.85 7.68
C SER C 347 -15.72 7.70 7.96
N GLY C 348 -14.75 7.99 8.83
CA GLY C 348 -13.76 7.00 9.21
C GLY C 348 -13.37 7.19 10.66
N THR C 349 -12.60 6.25 11.20
CA THR C 349 -12.18 6.31 12.59
C THR C 349 -11.29 7.51 12.87
N ARG C 350 -10.12 7.56 12.24
CA ARG C 350 -9.17 8.65 12.45
C ARG C 350 -9.20 9.68 11.33
N ALA C 351 -8.56 10.82 11.59
CA ALA C 351 -8.50 11.90 10.61
C ALA C 351 -7.74 11.47 9.36
N ALA C 352 -7.10 10.31 9.44
CA ALA C 352 -6.37 9.75 8.32
C ALA C 352 -5.25 10.66 7.81
N ALA C 353 -4.07 10.58 8.43
CA ALA C 353 -2.94 11.39 8.00
C ALA C 353 -1.73 11.25 8.92
N ALA C 354 -0.65 11.93 8.55
CA ALA C 354 0.60 11.93 9.29
C ALA C 354 0.94 10.60 9.96
N THR C 355 1.68 10.68 11.06
CA THR C 355 2.08 9.51 11.82
C THR C 355 3.11 8.67 11.06
N GLY C 356 3.27 7.42 11.51
CA GLY C 356 4.21 6.53 10.85
C GLY C 356 5.52 6.40 11.61
N THR C 357 6.36 7.42 11.51
CA THR C 357 7.67 7.40 12.17
C THR C 357 8.10 8.80 12.61
N ILE C 358 9.01 8.85 13.57
CA ILE C 358 9.52 10.13 14.06
C ILE C 358 10.49 10.68 13.02
N PHE C 359 11.34 9.81 12.50
CA PHE C 359 12.31 10.19 11.49
C PHE C 359 11.63 10.29 10.14
N THR C 360 12.31 10.93 9.20
CA THR C 360 11.77 11.04 7.87
C THR C 360 12.83 10.52 6.92
N PHE C 361 12.39 9.75 5.96
CA PHE C 361 13.29 9.19 4.96
C PHE C 361 13.81 10.33 4.11
N ARG C 362 14.99 10.13 3.52
CA ARG C 362 15.54 11.12 2.63
C ARG C 362 15.62 10.56 1.22
N SER C 363 14.94 9.42 1.04
CA SER C 363 14.83 8.79 -0.26
C SER C 363 13.69 9.58 -0.94
N ALA C 364 13.57 9.47 -2.26
CA ALA C 364 12.50 10.18 -2.96
C ALA C 364 11.15 9.61 -2.50
N ARG C 365 10.11 10.43 -2.51
CA ARG C 365 8.79 9.97 -2.07
C ARG C 365 8.23 8.89 -3.00
N LEU C 366 7.46 7.97 -2.43
CA LEU C 366 6.87 6.89 -3.20
C LEU C 366 6.12 7.41 -4.43
N ASN C 367 6.28 6.69 -5.54
CA ASN C 367 5.61 7.05 -6.79
C ASN C 367 4.13 6.75 -6.60
N SER C 368 3.27 7.70 -6.94
CA SER C 368 1.83 7.50 -6.79
C SER C 368 1.14 7.07 -8.07
N GLN C 369 0.36 6.00 -7.98
CA GLN C 369 -0.38 5.46 -9.10
C GLN C 369 -1.82 5.95 -9.00
N ARG C 370 -2.44 6.19 -10.14
CA ARG C 370 -3.81 6.69 -10.19
C ARG C 370 -4.80 5.53 -10.36
N LEU C 371 -5.76 5.43 -9.46
CA LEU C 371 -6.78 4.39 -9.52
C LEU C 371 -8.13 5.10 -9.42
N VAL C 372 -8.82 5.20 -10.55
CA VAL C 372 -10.10 5.89 -10.59
C VAL C 372 -11.27 4.97 -10.89
N PHE C 373 -12.18 4.84 -9.94
CA PHE C 373 -13.36 3.99 -10.16
C PHE C 373 -14.44 4.84 -10.81
N ASN C 374 -14.29 5.06 -12.11
CA ASN C 374 -15.25 5.86 -12.86
C ASN C 374 -15.98 5.06 -13.93
N ARG C 375 -16.04 3.75 -13.74
CA ARG C 375 -16.77 2.87 -14.64
C ARG C 375 -17.20 1.68 -13.80
N PRO C 376 -18.13 0.84 -14.31
CA PRO C 376 -18.60 -0.32 -13.55
C PRO C 376 -17.52 -1.11 -12.81
N PHE C 377 -17.70 -1.25 -11.50
CA PHE C 377 -16.75 -2.00 -10.69
C PHE C 377 -17.47 -2.99 -9.78
N LEU C 378 -16.72 -3.95 -9.27
CA LEU C 378 -17.27 -4.95 -8.36
C LEU C 378 -16.86 -4.57 -6.94
N MET C 379 -17.63 -5.04 -5.97
N MET C 379 -17.65 -5.03 -5.96
CA MET C 379 -17.29 -4.76 -4.58
CA MET C 379 -17.41 -4.72 -4.57
C MET C 379 -17.64 -5.93 -3.69
C MET C 379 -17.71 -5.87 -3.61
N PHE C 380 -16.80 -6.13 -2.68
CA PHE C 380 -16.97 -7.19 -1.71
C PHE C 380 -16.82 -6.51 -0.35
N ILE C 381 -17.50 -7.04 0.66
CA ILE C 381 -17.33 -6.55 2.01
C ILE C 381 -17.16 -7.84 2.75
N VAL C 382 -15.98 -8.02 3.33
CA VAL C 382 -15.69 -9.26 4.02
C VAL C 382 -15.14 -9.12 5.42
N ASP C 383 -15.51 -10.07 6.25
CA ASP C 383 -15.05 -10.17 7.63
C ASP C 383 -14.48 -11.57 7.55
N ASN C 384 -15.02 -12.51 8.31
CA ASN C 384 -14.58 -13.89 8.21
C ASN C 384 -15.41 -14.47 7.07
N ASN C 385 -16.55 -13.85 6.83
CA ASN C 385 -17.46 -14.28 5.77
C ASN C 385 -17.67 -13.15 4.77
N ILE C 386 -18.29 -13.48 3.65
CA ILE C 386 -18.60 -12.52 2.61
C ILE C 386 -19.93 -11.88 3.00
N LEU C 387 -19.85 -10.71 3.61
CA LEU C 387 -21.04 -9.99 4.05
C LEU C 387 -21.83 -9.42 2.87
N PHE C 388 -21.13 -8.87 1.89
CA PHE C 388 -21.78 -8.29 0.72
C PHE C 388 -20.97 -8.51 -0.55
N LEU C 389 -21.69 -8.63 -1.66
CA LEU C 389 -21.07 -8.83 -2.97
C LEU C 389 -21.98 -8.16 -3.99
N GLY C 390 -21.39 -7.39 -4.88
CA GLY C 390 -22.21 -6.74 -5.88
C GLY C 390 -21.44 -6.06 -6.98
N LYS C 391 -22.17 -5.47 -7.91
CA LYS C 391 -21.59 -4.75 -9.03
C LYS C 391 -22.20 -3.36 -9.07
N VAL C 392 -21.36 -2.35 -8.98
CA VAL C 392 -21.82 -0.97 -9.02
C VAL C 392 -21.76 -0.51 -10.47
N ASN C 393 -22.88 -0.64 -11.15
CA ASN C 393 -22.98 -0.27 -12.56
C ASN C 393 -23.28 1.22 -12.66
N ARG C 394 -23.93 1.76 -11.63
CA ARG C 394 -24.28 3.17 -11.58
C ARG C 394 -24.47 3.62 -10.14
N PRO C 395 -23.48 4.31 -9.57
CA PRO C 395 -23.50 4.82 -8.20
C PRO C 395 -24.76 5.61 -7.87
#